data_7RG9
#
_entry.id   7RG9
#
_cell.length_a   1.00
_cell.length_b   1.00
_cell.length_c   1.00
_cell.angle_alpha   90.00
_cell.angle_beta   90.00
_cell.angle_gamma   90.00
#
_symmetry.space_group_name_H-M   'P 1'
#
loop_
_entity.id
_entity.type
_entity.pdbx_description
1 polymer 'Isoform Gnas-2 of Guanine nucleotide-binding protein G(s) subunit alpha isoforms short'
2 polymer 'Guanine nucleotide-binding protein G(I)/G(S)/G(T) subunit beta-1'
3 polymer 'Single-chain variable fragment 16'
4 polymer 'Guanine nucleotide-binding protein G(I)/G(S)/G(O) subunit gamma-2'
5 polymer 'nanobody 35'
6 polymer 'Glucagon-like peptide 1 receptor'
#
loop_
_entity_poly.entity_id
_entity_poly.type
_entity_poly.pdbx_seq_one_letter_code
_entity_poly.pdbx_strand_id
1 'polypeptide(L)'
;MGCTLSAEDKAAVERSKMIEKQLQKDKQVYRATHRLLLLGAGESGKSTIVKQMRILHVNGFNGDSEKATKVQDIKNNLKE
AIETIVAAMSNLVPPVELANPENQFRVDYILSVMNVPDFDFPPEFYEHAKALWEDEGVRACYERSNEYQLIDCAQYFLDK
IDVIKQADYVPSDQDLLRCRVLTSGIFETKFQVDKVNFHMFDVGGQRDERRKWIQCFNDVTAIIFVVASSSYNMVIREDN
QTNRLQEALNLFKSIWNNRWLRTISVILFLNKQDLLAEKVLAGKSKIEDYFPEFARYTTPEDATPEPGEDPRVTRAKYFI
RDEFLRISTASGDGRHYCYPHFTCAVDTENIRRVFNDCRDIIQRMHLRQYELL
;
A
2 'polypeptide(L)'
;MHHHHHHGSSGSELDQLRQEAEQLKNQIRDARKACADATLSQITNNIDPVGRIQMRTRRTLRGHLAKIYAMHWGTDSRLL
VSASQDGKLIIWDSYTTNKVHAIPLRSSWVMTCAYAPSGNYVACGGLDNICSIYNLKTREGNVRVSRELAGHTGYLSCCR
FLDDNQIVTSSGDTTCALWDIETGQQTTTFTGHTGDVMSLSLAPDTRLFVSGACDASAKLWDVREGMCRQTFTGHESDIN
AICFFPNGNAFATGSDDATCRLFDLRADQELMTYSHDNIICGITSVSFSKSGRLLLAGYDDFNCNVWDALKADRAGVLAG
HDNRVSCLGVTDDGMAVATGSWDSFLKIWN
;
B
3 'polypeptide(L)'
;MLLVNQSHQGFNKEHTSKMVSAIVLYVLLAAAAHSAFADVQLVESGGGLVQPGGSRKLSCSASGFAFSSFGMHWVRQAPE
KGLEWVAYISSGSGTIYYADTVKGRFTISRDDPKNTLFLQMTSLRSEDTAMYYCVRSIYYYGSSPFDFWGQGTTLTVSSG
GGGSGGGGSGGGGSDIVMTQATSSVPVTPGESVSISCRSSKSLLHSNGNTYLYWFLQRPGQSPQLLIYRMSNLASGVPDR
FSGSGSGTAFTLTISRLEAEDVGVYYCMQHLEYPLTFGAGTKLELKAAAHHHHHHHH
;
E
4 'polypeptide(L)' MASNNTASIAQARKLVEQLKMEANIDRIKVSKAAADLMAYCEAHAKEDPLLTPVPASENPFREKKFFCAIL G
5 'polypeptide(L)'
;MKYLLPTAAAGLLLLAAQPAMAQVQLQESGGGLVQPGGSLRLSCAASGFTFSNYKMNWVRQAPGKGLEWVSDISQSGASI
SYTGSVKGRFTISRDNAKNTLYLQMNSLKPEDTAVYYCARCPAPFTRDCFDVTSTTYAYRGQGTQVTVSSHHHHHHEPEA
;
N
6 'polypeptide(L)'
;MKTIIALSYIFCLVFADYKDDDDAAAGGSGGSLEVLFQGPGGSGGSRPQGATVSLWETVQKWREYRRQCQRSLTEDPPPA
TDLFCNRTFDEYACWPDGEPGSFVNVSCPWYLPWASSVPQGHVYRFCTAEGLWLQKDNSSLPWRDLSECEESKRGERSSP
EEQLLFLYIIYTVGYALSFSALVIASAILLGFRHLHCTRNYIHLNLFASFILRALSVFIKDAALKWMYSTAAQQHQWDGL
LSYQDSLSCRLVFLLMQYCVAANYYWLLVEGVYLYTLLAFSVFSEQWIFRLYVSIGWGVPLLFVVPWGIVKYLYEDEGCW
TRNSNMNYWLIIRLPILFAIGVNFLIFVRVICIVVSKLKANLMCKTDIKCRLAKSTLTLIPLLGTHEVIFAFVMDEHARG
TLRFIKLFTELSFTSFQGLMVAILYCFVNNEVQLEFRKSWERWRL
;
R
#
# COMPACT_ATOMS: atom_id res chain seq x y z
N LEU A 5 25.37 20.53 -2.05
CA LEU A 5 25.12 19.20 -1.53
C LEU A 5 24.28 19.31 -0.28
N SER A 6 22.96 19.36 -0.45
CA SER A 6 22.03 19.56 0.67
C SER A 6 22.28 20.90 1.35
N ALA A 7 22.48 21.95 0.55
CA ALA A 7 22.71 23.29 1.07
C ALA A 7 21.56 23.73 1.97
N GLU A 8 20.36 23.85 1.38
CA GLU A 8 19.11 23.98 2.13
C GLU A 8 18.30 22.70 2.11
N ASP A 9 18.65 21.75 1.24
CA ASP A 9 18.03 20.43 1.23
C ASP A 9 18.51 19.56 2.39
N LYS A 10 19.53 19.99 3.13
CA LYS A 10 19.89 19.30 4.37
C LYS A 10 18.76 19.37 5.38
N ALA A 11 18.17 20.55 5.56
CA ALA A 11 17.03 20.69 6.47
C ALA A 11 15.81 19.96 5.93
N ALA A 12 15.67 19.92 4.60
CA ALA A 12 14.61 19.13 3.98
C ALA A 12 14.74 17.66 4.35
N VAL A 13 15.93 17.10 4.18
CA VAL A 13 16.18 15.69 4.51
C VAL A 13 16.03 15.47 6.02
N GLU A 14 16.36 16.46 6.83
CA GLU A 14 16.16 16.32 8.27
C GLU A 14 14.69 16.17 8.61
N ARG A 15 13.83 17.01 8.01
CA ARG A 15 12.39 16.89 8.25
C ARG A 15 11.82 15.62 7.59
N SER A 16 12.40 15.20 6.47
CA SER A 16 12.05 13.93 5.84
C SER A 16 12.30 12.77 6.78
N LYS A 17 13.46 12.75 7.44
CA LYS A 17 13.79 11.65 8.33
C LYS A 17 12.99 11.72 9.62
N MET A 18 12.63 12.92 10.07
CA MET A 18 11.69 13.03 11.19
C MET A 18 10.33 12.43 10.85
N ILE A 19 9.79 12.76 9.68
CA ILE A 19 8.49 12.20 9.29
C ILE A 19 8.60 10.70 9.00
N GLU A 20 9.73 10.26 8.44
CA GLU A 20 9.97 8.83 8.24
C GLU A 20 10.03 8.08 9.57
N LYS A 21 10.61 8.70 10.59
CA LYS A 21 10.57 8.13 11.93
C LYS A 21 9.14 8.08 12.45
N GLN A 22 8.32 9.07 12.11
CA GLN A 22 6.90 8.99 12.46
C GLN A 22 6.23 7.81 11.75
N LEU A 23 6.63 7.56 10.51
CA LEU A 23 6.12 6.40 9.77
C LEU A 23 6.51 5.10 10.47
N GLN A 24 7.72 5.05 11.02
CA GLN A 24 8.11 3.90 11.83
C GLN A 24 7.23 3.76 13.07
N LYS A 25 6.93 4.89 13.73
CA LYS A 25 6.10 4.82 14.95
C LYS A 25 4.72 4.24 14.64
N ASP A 26 4.05 4.78 13.63
CA ASP A 26 2.74 4.23 13.30
C ASP A 26 2.83 2.86 12.62
N LYS A 27 3.99 2.46 12.10
CA LYS A 27 4.18 1.05 11.75
C LYS A 27 4.09 0.18 12.98
N GLN A 28 4.72 0.61 14.08
CA GLN A 28 4.56 -0.09 15.36
C GLN A 28 3.09 -0.19 15.74
N VAL A 29 2.36 0.93 15.60
CA VAL A 29 0.96 0.95 16.04
C VAL A 29 0.00 0.33 15.03
N TYR A 30 0.48 -0.01 13.83
CA TYR A 30 -0.31 -0.65 12.80
C TYR A 30 -0.10 -2.17 12.74
N ARG A 31 1.13 -2.62 12.56
CA ARG A 31 1.39 -4.05 12.49
C ARG A 31 0.91 -4.82 13.72
N ALA A 32 0.50 -4.13 14.79
CA ALA A 32 0.05 -4.77 16.02
C ALA A 32 -1.45 -4.63 16.24
N THR A 33 -2.19 -4.05 15.30
CA THR A 33 -3.64 -3.98 15.36
C THR A 33 -4.25 -4.91 14.32
N HIS A 34 -5.41 -5.47 14.64
CA HIS A 34 -6.04 -6.51 13.84
C HIS A 34 -7.22 -5.93 13.08
N ARG A 35 -7.07 -5.81 11.77
CA ARG A 35 -8.14 -5.33 10.91
C ARG A 35 -9.02 -6.51 10.50
N LEU A 36 -10.30 -6.47 10.86
CA LEU A 36 -11.24 -7.50 10.47
C LEU A 36 -12.49 -6.90 9.85
N LEU A 37 -13.01 -7.56 8.81
CA LEU A 37 -14.09 -7.07 7.97
C LEU A 37 -15.40 -7.72 8.39
N LEU A 38 -16.35 -6.94 8.86
CA LEU A 38 -17.68 -7.46 9.13
C LEU A 38 -18.44 -7.59 7.81
N LEU A 39 -19.26 -8.63 7.71
CA LEU A 39 -19.98 -8.92 6.47
C LEU A 39 -21.32 -9.54 6.87
N GLY A 40 -22.34 -8.69 6.98
CA GLY A 40 -23.60 -9.05 7.60
C GLY A 40 -24.59 -9.65 6.61
N ALA A 41 -25.80 -9.89 7.13
CA ALA A 41 -26.91 -10.44 6.33
C ALA A 41 -28.18 -9.63 6.58
N SER A 44 -27.52 -8.80 16.90
CA SER A 44 -26.30 -8.98 16.12
C SER A 44 -25.10 -9.21 17.05
N GLY A 45 -24.72 -8.17 17.79
CA GLY A 45 -23.55 -8.20 18.66
C GLY A 45 -22.45 -7.26 18.25
N LYS A 46 -22.49 -6.69 17.03
CA LYS A 46 -21.49 -5.71 16.62
C LYS A 46 -21.52 -4.48 17.53
N SER A 47 -22.72 -4.06 17.95
CA SER A 47 -22.84 -3.03 18.99
C SER A 47 -22.33 -3.54 20.34
N THR A 48 -22.43 -4.84 20.59
CA THR A 48 -21.88 -5.45 21.79
C THR A 48 -20.42 -5.88 21.63
N ILE A 49 -19.99 -6.19 20.39
CA ILE A 49 -18.60 -6.55 20.13
C ILE A 49 -17.68 -5.33 20.25
N VAL A 50 -18.24 -4.13 20.28
CA VAL A 50 -17.51 -2.92 20.63
C VAL A 50 -17.67 -2.56 22.10
N LYS A 51 -18.13 -3.51 22.92
CA LYS A 51 -18.30 -3.28 24.36
C LYS A 51 -16.97 -3.12 25.08
N GLN A 52 -15.92 -3.82 24.64
CA GLN A 52 -14.57 -3.73 25.22
C GLN A 52 -14.50 -4.44 26.56
N ILE A 186 -19.41 5.23 13.21
CA ILE A 186 -20.52 4.30 12.99
C ILE A 186 -20.03 3.12 12.16
N PHE A 187 -19.32 3.43 11.07
CA PHE A 187 -18.78 2.42 10.16
C PHE A 187 -17.51 1.80 10.75
N GLU A 188 -16.53 2.63 11.08
CA GLU A 188 -15.34 2.21 11.82
C GLU A 188 -15.76 1.77 13.21
N THR A 189 -15.07 0.76 13.75
CA THR A 189 -15.37 0.22 15.06
C THR A 189 -14.09 -0.31 15.68
N LYS A 190 -13.60 0.36 16.72
CA LYS A 190 -12.34 0.02 17.38
C LYS A 190 -12.63 -0.47 18.79
N PHE A 191 -11.93 -1.53 19.21
CA PHE A 191 -12.04 -2.03 20.58
C PHE A 191 -10.82 -2.89 20.88
N GLN A 192 -10.83 -3.60 22.01
CA GLN A 192 -9.65 -4.33 22.46
C GLN A 192 -10.04 -5.55 23.28
N VAL A 193 -9.22 -6.59 23.18
CA VAL A 193 -9.29 -7.78 24.03
C VAL A 193 -7.86 -8.15 24.42
N ASP A 194 -7.62 -8.28 25.73
CA ASP A 194 -6.31 -8.66 26.27
C ASP A 194 -5.20 -7.77 25.72
N LYS A 195 -5.41 -6.45 25.82
CA LYS A 195 -4.46 -5.45 25.34
C LYS A 195 -4.06 -5.69 23.88
N VAL A 196 -4.94 -6.33 23.11
CA VAL A 196 -4.78 -6.51 21.67
C VAL A 196 -5.92 -5.76 21.01
N ASN A 197 -5.59 -4.86 20.10
CA ASN A 197 -6.54 -3.88 19.58
C ASN A 197 -7.07 -4.32 18.22
N PHE A 198 -8.40 -4.25 18.08
CA PHE A 198 -9.12 -4.75 16.92
C PHE A 198 -9.82 -3.58 16.23
N HIS A 199 -9.59 -3.46 14.93
CA HIS A 199 -10.19 -2.46 14.06
C HIS A 199 -11.11 -3.21 13.11
N MET A 200 -12.42 -3.10 13.33
CA MET A 200 -13.43 -3.78 12.56
C MET A 200 -14.18 -2.81 11.67
N PHE A 201 -14.16 -3.05 10.37
CA PHE A 201 -14.91 -2.21 9.43
C PHE A 201 -16.20 -2.91 9.04
N ASP A 202 -17.33 -2.27 9.34
CA ASP A 202 -18.61 -2.61 8.78
C ASP A 202 -18.80 -1.80 7.49
N VAL A 203 -19.53 -2.39 6.54
CA VAL A 203 -19.63 -1.82 5.19
C VAL A 203 -21.08 -1.57 4.80
N GLY A 204 -21.92 -1.19 5.77
CA GLY A 204 -23.33 -0.96 5.51
C GLY A 204 -23.65 0.31 4.74
N GLY A 205 -22.65 0.91 4.08
CA GLY A 205 -22.85 2.16 3.38
C GLY A 205 -22.77 2.08 1.87
N GLN A 206 -22.56 0.88 1.32
CA GLN A 206 -22.37 0.69 -0.10
C GLN A 206 -23.63 0.11 -0.75
N ARG A 207 -23.65 0.20 -2.09
CA ARG A 207 -24.62 -0.52 -2.94
C ARG A 207 -24.16 -1.98 -2.88
N ASP A 208 -25.00 -2.96 -3.18
CA ASP A 208 -24.81 -4.38 -2.96
C ASP A 208 -24.14 -5.08 -4.16
N GLU A 209 -23.29 -4.37 -4.90
CA GLU A 209 -22.40 -4.98 -5.90
C GLU A 209 -20.98 -4.90 -5.35
N ARG A 210 -20.48 -6.02 -4.87
CA ARG A 210 -19.27 -6.07 -4.04
C ARG A 210 -18.01 -6.39 -4.83
N ARG A 211 -18.13 -6.77 -6.11
CA ARG A 211 -16.98 -7.30 -6.82
C ARG A 211 -15.79 -6.35 -6.86
N LYS A 212 -15.95 -5.09 -6.43
CA LYS A 212 -14.87 -4.10 -6.43
C LYS A 212 -14.50 -3.61 -5.04
N TRP A 213 -15.45 -3.12 -4.26
CA TRP A 213 -15.13 -2.56 -2.96
C TRP A 213 -14.88 -3.61 -1.90
N ILE A 214 -14.69 -4.88 -2.28
CA ILE A 214 -14.25 -5.91 -1.36
C ILE A 214 -12.77 -6.23 -1.51
N GLN A 215 -12.19 -6.00 -2.70
CA GLN A 215 -10.76 -6.24 -2.89
C GLN A 215 -9.93 -5.46 -1.87
N CYS A 216 -10.42 -4.28 -1.48
CA CYS A 216 -9.80 -3.46 -0.43
C CYS A 216 -9.30 -4.31 0.73
N PHE A 217 -10.11 -5.31 1.12
CA PHE A 217 -9.79 -6.13 2.28
C PHE A 217 -9.07 -7.42 1.86
N ASN A 218 -8.01 -7.30 1.07
CA ASN A 218 -7.13 -8.45 0.92
C ASN A 218 -6.13 -8.58 2.07
N ASP A 219 -5.85 -7.49 2.77
CA ASP A 219 -4.93 -7.47 3.90
C ASP A 219 -5.66 -7.44 5.24
N VAL A 220 -6.97 -7.65 5.24
CA VAL A 220 -7.72 -7.75 6.48
C VAL A 220 -7.35 -9.06 7.17
N THR A 221 -7.31 -9.02 8.51
CA THR A 221 -6.91 -10.22 9.25
C THR A 221 -7.92 -11.35 9.08
N ALA A 222 -9.20 -11.04 9.32
CA ALA A 222 -10.27 -12.03 9.23
C ALA A 222 -11.52 -11.36 8.68
N ILE A 223 -12.47 -12.20 8.26
CA ILE A 223 -13.78 -11.76 7.82
C ILE A 223 -14.79 -12.35 8.79
N ILE A 224 -15.45 -11.50 9.58
CA ILE A 224 -16.57 -11.94 10.42
C ILE A 224 -17.79 -11.99 9.51
N PHE A 225 -18.21 -13.21 9.15
CA PHE A 225 -19.26 -13.44 8.15
C PHE A 225 -20.55 -13.76 8.91
N VAL A 226 -21.31 -12.73 9.28
CA VAL A 226 -22.45 -12.89 10.18
C VAL A 226 -23.65 -13.30 9.34
N VAL A 227 -24.00 -14.58 9.36
CA VAL A 227 -25.10 -15.14 8.58
C VAL A 227 -26.10 -15.76 9.54
N ALA A 228 -27.39 -15.64 9.21
CA ALA A 228 -28.48 -16.15 10.03
C ALA A 228 -28.60 -17.66 9.91
N SER A 229 -29.19 -18.28 10.94
CA SER A 229 -29.44 -19.72 10.94
C SER A 229 -30.82 -20.08 10.45
N SER A 230 -31.78 -19.18 10.54
CA SER A 230 -33.12 -19.37 10.00
C SER A 230 -33.18 -18.72 8.62
N SER A 231 -33.47 -19.53 7.60
CA SER A 231 -33.49 -19.05 6.22
C SER A 231 -34.69 -18.13 5.98
N THR A 242 -37.95 -17.53 1.03
CA THR A 242 -36.98 -16.47 1.20
C THR A 242 -35.59 -16.94 0.80
N ASN A 243 -35.17 -18.09 1.35
CA ASN A 243 -33.93 -18.76 0.99
C ASN A 243 -32.71 -17.89 1.30
N ARG A 244 -32.56 -17.57 2.60
CA ARG A 244 -31.38 -16.84 3.04
C ARG A 244 -30.13 -17.70 3.08
N LEU A 245 -30.27 -18.98 3.41
CA LEU A 245 -29.09 -19.83 3.55
C LEU A 245 -28.37 -20.03 2.24
N GLN A 246 -29.10 -20.08 1.12
CA GLN A 246 -28.44 -20.29 -0.17
C GLN A 246 -27.75 -19.02 -0.68
N GLU A 247 -28.36 -17.85 -0.49
CA GLU A 247 -27.69 -16.60 -0.84
C GLU A 247 -26.44 -16.42 0.02
N ALA A 248 -26.54 -16.70 1.32
CA ALA A 248 -25.36 -16.65 2.18
C ALA A 248 -24.32 -17.67 1.74
N LEU A 249 -24.76 -18.85 1.31
CA LEU A 249 -23.83 -19.89 0.88
C LEU A 249 -23.04 -19.45 -0.34
N ASN A 250 -23.67 -18.85 -1.33
CA ASN A 250 -23.01 -18.45 -2.59
C ASN A 250 -22.19 -17.20 -2.33
N LEU A 251 -22.57 -16.33 -1.37
CA LEU A 251 -21.71 -15.22 -0.98
C LEU A 251 -20.42 -15.73 -0.34
N PHE A 252 -20.55 -16.65 0.61
CA PHE A 252 -19.39 -17.25 1.24
C PHE A 252 -18.50 -17.93 0.20
N LYS A 253 -19.11 -18.67 -0.72
CA LYS A 253 -18.33 -19.36 -1.74
C LYS A 253 -17.54 -18.36 -2.58
N SER A 254 -18.18 -17.27 -2.99
CA SER A 254 -17.49 -16.25 -3.79
C SER A 254 -16.33 -15.65 -3.02
N ILE A 255 -16.55 -15.29 -1.76
CA ILE A 255 -15.48 -14.73 -0.93
C ILE A 255 -14.31 -15.71 -0.88
N TRP A 256 -14.60 -16.98 -0.58
CA TRP A 256 -13.56 -18.01 -0.52
C TRP A 256 -12.81 -18.11 -1.83
N ASN A 257 -13.46 -17.92 -2.94
CA ASN A 257 -12.79 -18.20 -4.22
C ASN A 257 -12.07 -16.99 -4.75
N ASN A 258 -12.35 -15.79 -4.25
CA ASN A 258 -11.80 -14.59 -4.88
C ASN A 258 -10.26 -14.57 -4.81
N ARG A 259 -9.65 -14.06 -5.88
CA ARG A 259 -8.20 -14.12 -6.04
C ARG A 259 -7.45 -13.30 -4.99
N TRP A 260 -8.11 -12.31 -4.39
CA TRP A 260 -7.48 -11.46 -3.36
C TRP A 260 -7.79 -11.93 -1.97
N LEU A 261 -8.93 -12.59 -1.78
CA LEU A 261 -9.35 -13.16 -0.52
C LEU A 261 -9.09 -14.66 -0.46
N ARG A 262 -8.30 -15.18 -1.41
CA ARG A 262 -7.92 -16.59 -1.39
C ARG A 262 -7.18 -16.95 -0.11
N THR A 263 -6.51 -15.99 0.51
CA THR A 263 -5.68 -16.21 1.67
C THR A 263 -6.18 -15.40 2.85
N ILE A 264 -7.49 -15.40 3.06
CA ILE A 264 -8.13 -14.78 4.21
C ILE A 264 -8.98 -15.84 4.88
N SER A 265 -8.77 -16.03 6.18
CA SER A 265 -9.64 -16.89 6.96
C SER A 265 -10.97 -16.18 7.20
N VAL A 266 -12.04 -16.96 7.14
CA VAL A 266 -13.38 -16.48 7.50
C VAL A 266 -13.66 -16.96 8.91
N ILE A 267 -14.35 -16.12 9.68
CA ILE A 267 -14.96 -16.54 10.93
C ILE A 267 -16.47 -16.55 10.71
N LEU A 268 -17.06 -17.73 10.71
CA LEU A 268 -18.47 -17.91 10.39
C LEU A 268 -19.30 -17.85 11.66
N PHE A 269 -20.28 -16.96 11.69
CA PHE A 269 -21.22 -16.85 12.80
C PHE A 269 -22.60 -17.19 12.27
N LEU A 270 -23.22 -18.21 12.85
CA LEU A 270 -24.49 -18.73 12.39
C LEU A 270 -25.53 -18.30 13.42
N ASN A 271 -26.05 -17.09 13.25
CA ASN A 271 -26.86 -16.44 14.26
C ASN A 271 -28.15 -17.21 14.54
N LYS A 272 -28.82 -16.82 15.61
CA LYS A 272 -30.23 -17.17 15.83
C LYS A 272 -30.47 -18.67 15.74
N GLN A 273 -29.49 -19.48 16.17
CA GLN A 273 -29.66 -20.93 16.12
C GLN A 273 -30.84 -21.37 16.98
N ASP A 274 -30.98 -20.76 18.16
CA ASP A 274 -32.14 -21.04 19.03
C ASP A 274 -33.46 -20.67 18.35
N LEU A 275 -33.50 -19.52 17.69
CA LEU A 275 -34.72 -19.12 16.97
C LEU A 275 -35.04 -20.11 15.86
N LEU A 276 -34.02 -20.56 15.12
CA LEU A 276 -34.21 -21.67 14.18
C LEU A 276 -34.72 -22.91 14.91
N ALA A 277 -34.25 -23.14 16.14
CA ALA A 277 -34.65 -24.34 16.88
C ALA A 277 -36.15 -24.36 17.10
N GLU A 278 -36.70 -23.30 17.69
CA GLU A 278 -38.15 -23.30 17.88
C GLU A 278 -38.89 -23.16 16.55
N LYS A 279 -38.30 -22.51 15.56
CA LYS A 279 -38.95 -22.40 14.25
C LYS A 279 -39.17 -23.77 13.63
N VAL A 280 -38.10 -24.57 13.54
CA VAL A 280 -38.18 -25.90 12.92
C VAL A 280 -38.78 -26.95 13.86
N LEU A 281 -38.89 -26.66 15.16
CA LEU A 281 -39.58 -27.57 16.07
C LEU A 281 -41.10 -27.37 16.01
N ALA A 282 -41.55 -26.13 16.21
CA ALA A 282 -42.98 -25.83 16.15
C ALA A 282 -43.50 -25.84 14.71
N GLY A 283 -42.61 -25.78 13.73
CA GLY A 283 -43.01 -25.78 12.33
C GLY A 283 -43.59 -24.45 11.89
N LYS A 286 -39.06 -25.10 8.41
CA LYS A 286 -38.67 -26.39 7.83
C LYS A 286 -37.32 -26.26 7.09
N ILE A 287 -36.71 -27.41 6.79
CA ILE A 287 -35.35 -27.46 6.25
C ILE A 287 -35.33 -28.24 4.93
N GLU A 288 -35.83 -29.48 4.94
CA GLU A 288 -35.85 -30.30 3.73
C GLU A 288 -36.61 -29.60 2.61
N ASP A 289 -37.54 -28.71 2.96
CA ASP A 289 -38.30 -27.95 1.97
C ASP A 289 -37.41 -27.04 1.13
N TYR A 290 -36.18 -26.77 1.57
CA TYR A 290 -35.19 -26.00 0.80
C TYR A 290 -33.97 -26.83 0.42
N PHE A 291 -33.40 -27.58 1.36
CA PHE A 291 -32.27 -28.47 1.08
C PHE A 291 -32.74 -29.92 1.14
N PRO A 292 -32.76 -30.66 0.02
CA PRO A 292 -33.20 -32.07 0.10
C PRO A 292 -32.22 -32.96 0.84
N GLU A 293 -30.91 -32.77 0.62
CA GLU A 293 -29.89 -33.64 1.22
C GLU A 293 -29.88 -33.60 2.73
N PHE A 294 -30.78 -32.83 3.35
CA PHE A 294 -31.00 -32.89 4.79
C PHE A 294 -31.69 -34.18 5.22
N ALA A 295 -32.28 -34.95 4.30
CA ALA A 295 -32.97 -36.19 4.66
C ALA A 295 -31.99 -37.32 4.95
N ARG A 296 -30.89 -37.36 4.22
CA ARG A 296 -29.84 -38.37 4.41
C ARG A 296 -28.91 -38.05 5.57
N TYR A 297 -29.02 -36.87 6.15
CA TYR A 297 -28.03 -36.35 7.09
C TYR A 297 -28.34 -36.79 8.51
N THR A 298 -27.29 -37.15 9.25
CA THR A 298 -27.33 -37.35 10.69
C THR A 298 -26.08 -36.75 11.30
N THR A 299 -26.18 -36.35 12.56
CA THR A 299 -25.09 -35.67 13.24
C THR A 299 -23.93 -36.65 13.47
N PRO A 300 -22.73 -36.39 12.96
CA PRO A 300 -21.59 -37.27 13.28
C PRO A 300 -21.26 -37.24 14.76
N GLU A 301 -20.74 -38.38 15.25
CA GLU A 301 -20.51 -38.55 16.68
C GLU A 301 -19.51 -37.55 17.24
N ASP A 302 -18.70 -36.92 16.38
CA ASP A 302 -17.71 -35.93 16.79
C ASP A 302 -18.27 -34.51 16.84
N ALA A 303 -19.57 -34.37 17.11
CA ALA A 303 -20.24 -33.07 17.23
C ALA A 303 -20.90 -33.00 18.59
N THR A 304 -20.31 -32.23 19.49
CA THR A 304 -20.81 -32.14 20.86
C THR A 304 -22.07 -31.28 20.89
N PRO A 305 -23.23 -31.81 21.30
CA PRO A 305 -24.45 -31.01 21.31
C PRO A 305 -24.56 -30.16 22.57
N GLU A 306 -25.44 -29.17 22.49
CA GLU A 306 -25.88 -28.46 23.68
C GLU A 306 -27.01 -29.27 24.33
N PRO A 307 -26.82 -29.79 25.55
CA PRO A 307 -27.84 -30.70 26.12
C PRO A 307 -29.19 -30.00 26.28
N GLY A 308 -30.25 -30.77 26.04
CA GLY A 308 -31.61 -30.32 26.30
C GLY A 308 -32.48 -30.21 25.07
N GLU A 309 -31.93 -29.70 23.96
CA GLU A 309 -32.71 -29.52 22.73
C GLU A 309 -32.78 -30.83 21.95
N ASP A 310 -33.35 -30.76 20.75
CA ASP A 310 -33.53 -31.95 19.93
C ASP A 310 -32.25 -32.29 19.16
N PRO A 311 -31.71 -33.51 19.30
CA PRO A 311 -30.65 -33.96 18.39
C PRO A 311 -30.93 -33.64 16.93
N ARG A 312 -32.19 -33.57 16.50
CA ARG A 312 -32.49 -33.19 15.12
C ARG A 312 -32.22 -31.70 14.89
N VAL A 313 -32.49 -30.85 15.88
CA VAL A 313 -32.11 -29.44 15.77
C VAL A 313 -30.59 -29.32 15.66
N THR A 314 -29.86 -30.05 16.51
CA THR A 314 -28.40 -30.07 16.38
C THR A 314 -27.98 -30.57 15.01
N ARG A 315 -28.73 -31.56 14.49
CA ARG A 315 -28.45 -32.12 13.17
C ARG A 315 -28.59 -31.06 12.08
N ALA A 316 -29.63 -30.24 12.18
CA ALA A 316 -29.80 -29.13 11.23
C ALA A 316 -28.64 -28.14 11.33
N LYS A 317 -28.32 -27.72 12.56
CA LYS A 317 -27.22 -26.77 12.75
C LYS A 317 -25.95 -27.28 12.09
N TYR A 318 -25.58 -28.52 12.41
CA TYR A 318 -24.35 -29.08 11.91
C TYR A 318 -24.42 -29.40 10.42
N PHE A 319 -25.62 -29.60 9.87
CA PHE A 319 -25.77 -29.71 8.42
C PHE A 319 -25.38 -28.39 7.74
N ILE A 320 -25.87 -27.28 8.28
CA ILE A 320 -25.51 -25.98 7.72
C ILE A 320 -24.00 -25.78 7.82
N ARG A 321 -23.44 -26.00 9.01
CA ARG A 321 -22.01 -25.84 9.22
C ARG A 321 -21.22 -26.73 8.26
N ASP A 322 -21.72 -27.97 8.02
CA ASP A 322 -21.07 -28.96 7.13
C ASP A 322 -21.16 -28.52 5.68
N GLU A 323 -22.22 -27.79 5.27
CA GLU A 323 -22.29 -27.20 3.94
C GLU A 323 -21.20 -26.15 3.77
N PHE A 324 -21.08 -25.27 4.76
CA PHE A 324 -20.07 -24.21 4.67
C PHE A 324 -18.66 -24.79 4.67
N LEU A 325 -18.40 -25.79 5.51
CA LEU A 325 -17.05 -26.36 5.52
C LEU A 325 -16.78 -27.21 4.29
N ARG A 326 -17.82 -27.76 3.66
CA ARG A 326 -17.64 -28.40 2.36
C ARG A 326 -17.19 -27.38 1.32
N ILE A 327 -17.82 -26.19 1.34
CA ILE A 327 -17.31 -25.08 0.53
C ILE A 327 -15.83 -24.87 0.82
N SER A 328 -15.49 -24.63 2.08
CA SER A 328 -14.13 -24.23 2.45
C SER A 328 -13.11 -25.26 1.99
N THR A 329 -13.34 -26.53 2.30
CA THR A 329 -12.37 -27.58 1.99
C THR A 329 -12.36 -27.94 0.52
N ALA A 330 -13.44 -27.63 -0.23
CA ALA A 330 -13.50 -28.04 -1.62
C ALA A 330 -12.40 -27.42 -2.48
N SER A 331 -11.73 -26.37 -2.00
CA SER A 331 -10.64 -25.75 -2.75
C SER A 331 -9.86 -24.82 -1.82
N GLY A 332 -8.55 -25.02 -1.74
CA GLY A 332 -7.67 -24.08 -1.06
C GLY A 332 -7.65 -24.19 0.45
N ASP A 333 -7.41 -25.40 0.96
CA ASP A 333 -7.09 -25.54 2.39
C ASP A 333 -5.65 -25.19 2.67
N GLY A 334 -4.84 -25.00 1.61
CA GLY A 334 -3.43 -24.71 1.79
C GLY A 334 -3.14 -23.36 2.42
N ARG A 335 -4.08 -22.41 2.31
CA ARG A 335 -3.82 -21.03 2.72
C ARG A 335 -4.76 -20.47 3.78
N HIS A 336 -5.97 -20.98 3.96
CA HIS A 336 -6.94 -20.28 4.81
C HIS A 336 -8.00 -21.27 5.29
N TYR A 337 -8.68 -20.91 6.39
CA TYR A 337 -9.57 -21.85 7.09
C TYR A 337 -10.76 -21.14 7.70
N CYS A 338 -11.92 -21.78 7.59
CA CYS A 338 -13.16 -21.28 8.17
C CYS A 338 -13.24 -21.72 9.62
N TYR A 339 -13.72 -20.84 10.49
CA TYR A 339 -13.79 -21.10 11.93
C TYR A 339 -15.23 -20.92 12.35
N PRO A 340 -16.12 -21.84 11.94
CA PRO A 340 -17.55 -21.62 12.12
C PRO A 340 -17.97 -21.82 13.57
N HIS A 341 -18.49 -20.76 14.17
CA HIS A 341 -19.08 -20.78 15.50
C HIS A 341 -20.60 -20.84 15.36
N PHE A 342 -21.28 -20.91 16.50
CA PHE A 342 -22.73 -21.03 16.58
C PHE A 342 -23.20 -19.91 17.51
N THR A 343 -23.42 -18.73 16.94
CA THR A 343 -23.83 -17.58 17.72
C THR A 343 -25.23 -17.81 18.30
N CYS A 344 -25.49 -17.21 19.47
CA CYS A 344 -26.76 -17.37 20.15
C CYS A 344 -27.05 -18.85 20.44
N ASP A 347 -26.24 -14.81 23.04
CA ASP A 347 -25.97 -13.45 23.47
C ASP A 347 -24.67 -13.36 24.27
N THR A 348 -23.79 -14.33 24.10
CA THR A 348 -22.54 -14.39 24.85
C THR A 348 -21.48 -13.47 24.25
N GLU A 349 -20.32 -13.45 24.90
CA GLU A 349 -19.13 -12.77 24.35
C GLU A 349 -18.58 -13.61 23.20
N ASN A 350 -19.02 -13.28 22.00
CA ASN A 350 -18.35 -13.74 20.78
C ASN A 350 -17.03 -13.01 20.55
N ILE A 351 -16.76 -11.96 21.31
CA ILE A 351 -15.49 -11.26 21.23
C ILE A 351 -14.35 -12.22 21.58
N ARG A 352 -14.57 -13.10 22.54
CA ARG A 352 -13.57 -14.11 22.89
C ARG A 352 -13.36 -15.07 21.72
N ARG A 353 -14.44 -15.46 21.04
CA ARG A 353 -14.31 -16.31 19.86
C ARG A 353 -13.48 -15.64 18.78
N VAL A 354 -13.76 -14.35 18.53
CA VAL A 354 -13.00 -13.60 17.53
C VAL A 354 -11.53 -13.52 17.92
N PHE A 355 -11.26 -13.23 19.19
CA PHE A 355 -9.89 -13.11 19.68
C PHE A 355 -9.14 -14.43 19.52
N ASN A 356 -9.74 -15.54 19.96
CA ASN A 356 -9.07 -16.83 19.89
C ASN A 356 -8.84 -17.25 18.45
N ASP A 357 -9.81 -16.99 17.56
CA ASP A 357 -9.63 -17.29 16.15
C ASP A 357 -8.52 -16.44 15.54
N CYS A 358 -8.41 -15.17 15.95
CA CYS A 358 -7.31 -14.33 15.47
C CYS A 358 -5.96 -14.88 15.92
N ARG A 359 -5.87 -15.30 17.19
CA ARG A 359 -4.64 -15.93 17.67
C ARG A 359 -4.32 -17.18 16.85
N ASP A 360 -5.34 -17.98 16.55
CA ASP A 360 -5.14 -19.20 15.76
C ASP A 360 -4.62 -18.88 14.37
N ILE A 361 -5.18 -17.85 13.72
CA ILE A 361 -4.76 -17.46 12.37
C ILE A 361 -3.33 -16.93 12.40
N ILE A 362 -3.01 -16.11 13.40
CA ILE A 362 -1.64 -15.60 13.57
C ILE A 362 -0.66 -16.76 13.65
N GLN A 363 -0.90 -17.66 14.62
CA GLN A 363 0.02 -18.76 14.84
C GLN A 363 0.15 -19.64 13.61
N ARG A 364 -0.96 -19.87 12.90
CA ARG A 364 -0.92 -20.70 11.71
C ARG A 364 -0.07 -20.05 10.62
N MET A 365 -0.18 -18.73 10.44
CA MET A 365 0.61 -18.06 9.42
C MET A 365 2.10 -18.13 9.75
N HIS A 366 2.46 -17.92 11.02
CA HIS A 366 3.87 -18.03 11.42
C HIS A 366 4.38 -19.46 11.24
N LEU A 367 3.59 -20.45 11.66
CA LEU A 367 4.00 -21.84 11.47
C LEU A 367 4.11 -22.19 9.99
N ARG A 368 3.36 -21.51 9.14
CA ARG A 368 3.40 -21.79 7.70
C ARG A 368 4.58 -21.13 7.01
N GLN A 369 5.04 -19.98 7.51
CA GLN A 369 6.26 -19.40 6.98
C GLN A 369 7.50 -20.13 7.49
N TYR A 370 7.43 -20.69 8.70
CA TYR A 370 8.50 -21.52 9.25
C TYR A 370 8.51 -22.93 8.67
N GLU A 371 7.53 -23.26 7.83
CA GLU A 371 7.46 -24.56 7.14
C GLU A 371 7.02 -25.70 8.05
N LEU A 372 6.19 -25.40 9.05
CA LEU A 372 5.70 -26.42 9.99
C LEU A 372 4.25 -26.80 9.73
N LEU A 373 3.32 -25.84 9.74
CA LEU A 373 1.93 -26.11 9.36
C LEU A 373 1.71 -25.71 7.91
N SER B 12 -49.16 -2.57 -22.17
CA SER B 12 -47.82 -2.55 -21.61
C SER B 12 -46.91 -1.69 -22.49
N GLU B 13 -47.14 -0.37 -22.45
CA GLU B 13 -46.44 0.54 -23.35
C GLU B 13 -44.93 0.47 -23.18
N LEU B 14 -44.46 0.01 -22.02
CA LEU B 14 -43.03 -0.16 -21.80
C LEU B 14 -42.42 -1.12 -22.82
N ASP B 15 -43.18 -2.11 -23.28
CA ASP B 15 -42.66 -3.00 -24.32
C ASP B 15 -42.38 -2.24 -25.61
N GLN B 16 -43.29 -1.34 -26.00
CA GLN B 16 -43.04 -0.48 -27.15
C GLN B 16 -41.83 0.41 -26.90
N LEU B 17 -41.69 0.93 -25.67
CA LEU B 17 -40.51 1.72 -25.32
C LEU B 17 -39.23 0.94 -25.59
N ARG B 18 -39.14 -0.28 -25.04
CA ARG B 18 -38.01 -1.15 -25.33
C ARG B 18 -37.86 -1.40 -26.82
N GLN B 19 -38.98 -1.39 -27.56
CA GLN B 19 -38.91 -1.66 -29.00
C GLN B 19 -38.18 -0.54 -29.73
N GLU B 20 -38.58 0.72 -29.52
CA GLU B 20 -37.82 1.78 -30.20
C GLU B 20 -36.43 1.89 -29.61
N ALA B 21 -36.25 1.48 -28.34
CA ALA B 21 -34.91 1.47 -27.74
C ALA B 21 -33.99 0.52 -28.49
N GLU B 22 -34.46 -0.71 -28.75
CA GLU B 22 -33.62 -1.69 -29.45
C GLU B 22 -33.43 -1.32 -30.91
N GLN B 23 -34.44 -0.72 -31.55
CA GLN B 23 -34.23 -0.29 -32.94
C GLN B 23 -33.26 0.89 -32.98
N LEU B 24 -33.32 1.77 -31.98
CA LEU B 24 -32.35 2.87 -31.88
C LEU B 24 -30.95 2.34 -31.69
N LYS B 25 -30.79 1.30 -30.85
CA LYS B 25 -29.49 0.66 -30.69
C LYS B 25 -29.01 0.08 -32.02
N ASN B 26 -29.90 -0.56 -32.77
CA ASN B 26 -29.55 -1.08 -34.09
C ASN B 26 -29.15 0.04 -35.04
N GLN B 27 -29.88 1.16 -35.00
CA GLN B 27 -29.59 2.31 -35.86
C GLN B 27 -28.23 2.90 -35.52
N ILE B 28 -27.93 3.04 -34.22
CA ILE B 28 -26.65 3.57 -33.78
C ILE B 28 -25.52 2.63 -34.23
N ARG B 29 -25.71 1.32 -34.05
CA ARG B 29 -24.64 0.40 -34.45
C ARG B 29 -24.45 0.39 -35.96
N ASP B 30 -25.54 0.49 -36.74
CA ASP B 30 -25.42 0.60 -38.19
C ASP B 30 -24.69 1.86 -38.60
N ALA B 31 -25.01 2.98 -37.94
CA ALA B 31 -24.29 4.22 -38.21
C ALA B 31 -22.81 4.08 -37.90
N ARG B 32 -22.49 3.40 -36.79
CA ARG B 32 -21.11 3.17 -36.42
C ARG B 32 -20.40 2.26 -37.43
N LYS B 33 -21.14 1.31 -38.03
CA LYS B 33 -20.60 0.57 -39.17
C LYS B 33 -20.33 1.49 -40.34
N ALA B 34 -21.23 2.44 -40.59
CA ALA B 34 -21.05 3.45 -41.63
C ALA B 34 -19.96 4.45 -41.28
N CYS B 35 -19.47 4.43 -40.05
CA CYS B 35 -18.36 5.28 -39.61
C CYS B 35 -17.12 4.49 -39.26
N ALA B 36 -17.18 3.16 -39.29
CA ALA B 36 -16.03 2.29 -39.02
C ALA B 36 -15.61 1.62 -40.32
N ASP B 37 -15.57 2.40 -41.39
CA ASP B 37 -15.34 1.89 -42.74
C ASP B 37 -13.87 1.60 -43.03
N ALA B 38 -12.97 1.85 -42.08
CA ALA B 38 -11.58 1.39 -42.19
C ALA B 38 -10.97 1.45 -40.80
N THR B 39 -10.61 0.29 -40.23
CA THR B 39 -10.14 0.24 -38.86
C THR B 39 -8.72 0.81 -38.75
N LEU B 40 -8.34 1.14 -37.50
CA LEU B 40 -7.05 1.79 -37.26
C LEU B 40 -5.89 0.91 -37.72
N SER B 41 -5.95 -0.38 -37.38
CA SER B 41 -4.83 -1.28 -37.68
C SER B 41 -4.56 -1.40 -39.17
N GLN B 42 -5.56 -1.11 -40.02
CA GLN B 42 -5.38 -1.27 -41.46
C GLN B 42 -4.30 -0.35 -42.00
N ILE B 43 -4.36 0.93 -41.62
CA ILE B 43 -3.51 1.96 -42.24
C ILE B 43 -2.20 2.18 -41.48
N THR B 44 -2.22 2.04 -40.15
CA THR B 44 -0.98 2.12 -39.38
C THR B 44 -0.03 0.97 -39.70
N ASN B 45 -0.52 -0.10 -40.32
CA ASN B 45 0.32 -1.25 -40.66
C ASN B 45 1.57 -0.83 -41.43
N ASN B 46 1.42 0.08 -42.39
CA ASN B 46 2.52 0.53 -43.24
C ASN B 46 3.60 1.31 -42.48
N ILE B 47 3.35 1.71 -41.23
CA ILE B 47 4.29 2.54 -40.48
C ILE B 47 5.33 1.63 -39.86
N ASP B 48 6.44 2.24 -39.43
CA ASP B 48 7.55 1.51 -38.84
C ASP B 48 7.25 1.14 -37.38
N PRO B 49 7.90 0.08 -36.86
CA PRO B 49 7.73 -0.27 -35.45
C PRO B 49 8.42 0.74 -34.54
N VAL B 50 8.51 0.41 -33.25
CA VAL B 50 9.16 1.26 -32.26
C VAL B 50 10.42 0.59 -31.71
N GLY B 51 10.29 -0.59 -31.11
CA GLY B 51 11.36 -1.28 -30.43
C GLY B 51 11.06 -1.39 -28.95
N ARG B 52 11.51 -2.50 -28.36
CA ARG B 52 11.17 -2.84 -26.97
C ARG B 52 11.82 -1.84 -26.03
N ILE B 53 11.02 -0.90 -25.50
CA ILE B 53 11.56 0.14 -24.64
C ILE B 53 12.10 -0.50 -23.37
N GLN B 54 13.37 -0.23 -23.06
CA GLN B 54 14.04 -0.84 -21.91
C GLN B 54 14.01 0.11 -20.73
N MET B 55 12.80 0.38 -20.25
CA MET B 55 12.63 1.26 -19.10
C MET B 55 13.03 0.52 -17.84
N ARG B 56 13.70 1.21 -16.93
CA ARG B 56 14.14 0.68 -15.65
C ARG B 56 13.42 1.42 -14.53
N THR B 57 13.69 1.01 -13.30
CA THR B 57 13.39 1.85 -12.15
C THR B 57 14.42 2.96 -12.07
N ARG B 58 14.04 4.08 -11.49
CA ARG B 58 14.94 5.16 -11.16
C ARG B 58 14.90 5.50 -9.69
N ARG B 59 13.73 5.40 -9.07
CA ARG B 59 13.57 5.67 -7.65
C ARG B 59 12.60 4.63 -7.08
N THR B 60 12.71 4.41 -5.77
CA THR B 60 11.75 3.59 -5.04
C THR B 60 11.37 4.35 -3.77
N LEU B 61 10.12 4.73 -3.70
CA LEU B 61 9.59 5.48 -2.57
C LEU B 61 8.99 4.47 -1.61
N ARG B 62 9.51 4.43 -0.37
CA ARG B 62 9.24 3.35 0.58
C ARG B 62 8.93 3.94 1.95
N GLY B 63 7.67 4.29 2.17
CA GLY B 63 7.25 4.77 3.48
C GLY B 63 5.85 4.35 3.86
N HIS B 64 5.18 3.61 2.98
CA HIS B 64 3.77 3.30 3.14
C HIS B 64 3.60 1.99 3.91
N LEU B 65 2.70 1.97 4.90
CA LEU B 65 2.51 0.79 5.80
C LEU B 65 1.60 -0.25 5.14
N ALA B 66 0.81 0.13 4.13
CA ALA B 66 -0.18 -0.76 3.48
C ALA B 66 -0.25 -0.49 1.99
N LYS B 67 -0.86 -1.41 1.23
CA LYS B 67 -0.99 -1.31 -0.25
C LYS B 67 -1.17 0.14 -0.74
N ILE B 68 -0.29 0.64 -1.60
CA ILE B 68 -0.44 1.94 -2.24
C ILE B 68 -1.65 1.83 -3.15
N TYR B 69 -2.79 2.39 -2.76
CA TYR B 69 -3.96 2.12 -3.55
C TYR B 69 -4.13 3.18 -4.63
N ALA B 70 -3.67 4.42 -4.42
CA ALA B 70 -3.80 5.43 -5.46
C ALA B 70 -2.65 6.43 -5.41
N MET B 71 -2.45 7.14 -6.51
CA MET B 71 -1.31 8.02 -6.71
C MET B 71 -1.71 9.13 -7.67
N HIS B 72 -0.97 10.24 -7.63
CA HIS B 72 -1.18 11.29 -8.62
C HIS B 72 -0.03 12.28 -8.58
N TRP B 73 0.58 12.53 -9.75
CA TRP B 73 1.63 13.54 -9.86
C TRP B 73 1.09 14.92 -9.51
N GLY B 74 1.95 15.93 -9.51
CA GLY B 74 1.53 17.31 -9.54
C GLY B 74 1.94 17.96 -10.86
N THR B 75 1.38 19.13 -11.17
CA THR B 75 1.71 19.78 -12.43
C THR B 75 3.16 20.22 -12.50
N ASP B 76 3.80 20.44 -11.35
CA ASP B 76 5.22 20.74 -11.29
C ASP B 76 6.10 19.57 -11.68
N SER B 77 5.52 18.39 -11.90
CA SER B 77 6.21 17.21 -12.44
C SER B 77 7.34 16.72 -11.54
N ARG B 78 7.36 17.16 -10.29
CA ARG B 78 8.31 16.67 -9.28
C ARG B 78 7.61 16.07 -8.08
N LEU B 79 6.65 16.79 -7.51
CA LEU B 79 5.90 16.26 -6.38
C LEU B 79 4.88 15.25 -6.87
N LEU B 80 4.51 14.33 -5.98
CA LEU B 80 3.40 13.42 -6.27
C LEU B 80 2.79 12.98 -4.95
N VAL B 81 1.49 12.95 -4.90
CA VAL B 81 0.76 12.50 -3.72
C VAL B 81 0.49 11.01 -3.88
N SER B 82 0.39 10.30 -2.74
CA SER B 82 0.06 8.88 -2.76
C SER B 82 -0.79 8.56 -1.55
N ALA B 83 -1.75 7.66 -1.72
CA ALA B 83 -2.70 7.28 -0.69
C ALA B 83 -2.64 5.77 -0.51
N SER B 84 -2.41 5.35 0.73
CA SER B 84 -2.32 3.96 1.18
C SER B 84 -3.51 3.73 2.11
N GLN B 85 -4.06 2.53 2.15
CA GLN B 85 -5.28 2.20 2.88
C GLN B 85 -5.04 1.85 4.34
N ASP B 86 -3.84 2.14 4.85
CA ASP B 86 -3.56 2.13 6.29
C ASP B 86 -4.07 3.46 6.80
N GLY B 87 -4.47 4.36 5.89
CA GLY B 87 -4.93 5.68 6.23
C GLY B 87 -3.89 6.76 6.09
N LYS B 88 -3.02 6.69 5.08
CA LYS B 88 -1.87 7.58 4.99
C LYS B 88 -1.81 8.20 3.61
N LEU B 89 -1.85 9.53 3.58
CA LEU B 89 -1.79 10.32 2.34
C LEU B 89 -0.51 11.14 2.43
N ILE B 90 0.54 10.74 1.72
CA ILE B 90 1.85 11.36 1.86
C ILE B 90 2.27 11.95 0.51
N ILE B 91 2.82 13.16 0.57
CA ILE B 91 3.26 13.90 -0.60
C ILE B 91 4.77 13.71 -0.71
N TRP B 92 5.22 12.97 -1.73
CA TRP B 92 6.62 12.74 -1.99
C TRP B 92 7.17 13.84 -2.88
N ASP B 93 8.38 14.29 -2.58
CA ASP B 93 9.23 14.90 -3.58
C ASP B 93 10.08 13.78 -4.15
N SER B 94 10.12 13.69 -5.48
CA SER B 94 10.84 12.60 -6.11
C SER B 94 12.35 12.81 -6.04
N TYR B 95 12.84 13.96 -6.54
CA TYR B 95 14.28 14.12 -6.74
C TYR B 95 15.04 13.94 -5.42
N THR B 96 14.63 14.66 -4.39
CA THR B 96 15.12 14.39 -3.03
C THR B 96 14.35 13.28 -2.33
N THR B 97 13.47 12.58 -3.05
CA THR B 97 12.79 11.38 -2.56
C THR B 97 12.30 11.55 -1.13
N ASN B 98 11.96 12.77 -0.76
CA ASN B 98 11.67 13.13 0.62
C ASN B 98 10.18 13.12 0.87
N LYS B 99 9.81 12.96 2.12
CA LYS B 99 8.41 12.94 2.53
C LYS B 99 8.02 14.37 2.89
N VAL B 100 7.66 15.14 1.87
CA VAL B 100 7.33 16.55 2.03
C VAL B 100 6.23 16.71 3.07
N HIS B 101 5.19 15.89 2.96
CA HIS B 101 4.12 15.84 3.95
C HIS B 101 3.68 14.39 4.12
N ALA B 102 3.10 14.11 5.29
CA ALA B 102 2.44 12.84 5.55
C ALA B 102 1.20 13.14 6.37
N ILE B 103 0.04 12.72 5.86
CA ILE B 103 -1.26 13.20 6.30
C ILE B 103 -2.04 12.00 6.85
N PRO B 104 -2.46 12.02 8.11
CA PRO B 104 -3.44 11.03 8.58
C PRO B 104 -4.85 11.43 8.18
N LEU B 105 -5.68 10.43 7.91
CA LEU B 105 -7.01 10.63 7.37
C LEU B 105 -8.07 10.35 8.44
N ARG B 106 -9.29 10.82 8.15
CA ARG B 106 -10.41 10.59 9.07
C ARG B 106 -10.86 9.13 9.08
N SER B 107 -10.59 8.39 8.00
CA SER B 107 -10.91 6.98 7.90
C SER B 107 -9.91 6.29 6.98
N SER B 108 -9.56 5.05 7.33
CA SER B 108 -8.35 4.42 6.80
C SER B 108 -8.50 3.93 5.37
N TRP B 109 -9.73 3.72 4.91
CA TRP B 109 -9.98 3.11 3.60
C TRP B 109 -10.21 4.24 2.59
N VAL B 110 -9.25 4.41 1.68
CA VAL B 110 -9.32 5.41 0.61
C VAL B 110 -8.99 4.71 -0.70
N MET B 111 -9.76 4.99 -1.74
CA MET B 111 -9.48 4.46 -3.07
C MET B 111 -8.87 5.48 -4.04
N THR B 112 -8.72 6.74 -3.66
CA THR B 112 -8.19 7.70 -4.62
C THR B 112 -7.61 8.93 -3.92
N CYS B 113 -6.52 9.44 -4.50
CA CYS B 113 -5.92 10.72 -4.15
C CYS B 113 -5.96 11.62 -5.37
N ALA B 114 -5.82 12.92 -5.15
CA ALA B 114 -5.76 13.87 -6.25
C ALA B 114 -4.93 15.08 -5.84
N TYR B 115 -4.18 15.61 -6.81
CA TYR B 115 -3.29 16.76 -6.64
C TYR B 115 -3.80 17.91 -7.50
N ALA B 116 -4.14 19.03 -6.86
CA ALA B 116 -4.70 20.15 -7.60
C ALA B 116 -3.67 20.69 -8.58
N PRO B 117 -4.08 21.07 -9.80
CA PRO B 117 -3.09 21.55 -10.77
C PRO B 117 -2.36 22.81 -10.31
N SER B 118 -3.02 23.65 -9.51
CA SER B 118 -2.35 24.77 -8.88
C SER B 118 -1.29 24.32 -7.88
N GLY B 119 -1.42 23.11 -7.33
CA GLY B 119 -0.50 22.58 -6.36
C GLY B 119 -0.82 22.90 -4.92
N ASN B 120 -1.89 23.65 -4.66
CA ASN B 120 -2.21 24.12 -3.31
C ASN B 120 -3.06 23.14 -2.52
N TYR B 121 -3.67 22.16 -3.17
CA TYR B 121 -4.61 21.25 -2.52
C TYR B 121 -4.34 19.82 -2.96
N VAL B 122 -4.75 18.88 -2.12
CA VAL B 122 -4.89 17.48 -2.49
C VAL B 122 -6.29 17.04 -2.12
N ALA B 123 -6.76 16.00 -2.79
CA ALA B 123 -8.07 15.44 -2.48
C ALA B 123 -7.96 13.92 -2.45
N CYS B 124 -8.57 13.31 -1.44
CA CYS B 124 -8.55 11.87 -1.26
C CYS B 124 -9.92 11.41 -0.77
N GLY B 125 -10.32 10.21 -1.17
CA GLY B 125 -11.58 9.66 -0.73
C GLY B 125 -11.66 8.18 -1.00
N GLY B 126 -12.63 7.53 -0.38
CA GLY B 126 -12.84 6.09 -0.55
C GLY B 126 -14.11 5.57 0.08
N LEU B 127 -14.01 4.47 0.81
CA LEU B 127 -15.17 3.76 1.35
C LEU B 127 -15.96 4.57 2.34
N ASP B 128 -15.68 5.84 2.67
CA ASP B 128 -16.63 6.65 3.42
C ASP B 128 -17.47 7.55 2.51
N ASN B 129 -17.30 7.41 1.19
CA ASN B 129 -18.10 8.12 0.20
C ASN B 129 -17.69 9.59 0.06
N ILE B 130 -16.84 10.08 0.95
CA ILE B 130 -16.52 11.50 1.05
C ILE B 130 -15.26 11.78 0.26
N CYS B 131 -15.17 12.99 -0.27
CA CYS B 131 -13.93 13.52 -0.83
C CYS B 131 -13.43 14.58 0.14
N SER B 132 -12.28 14.33 0.75
CA SER B 132 -11.64 15.31 1.63
C SER B 132 -10.61 16.05 0.82
N ILE B 133 -10.67 17.38 0.87
CA ILE B 133 -9.72 18.25 0.18
C ILE B 133 -8.91 18.96 1.26
N TYR B 134 -7.59 18.80 1.18
CA TYR B 134 -6.62 19.27 2.16
C TYR B 134 -5.82 20.42 1.56
N ASN B 135 -5.65 21.48 2.35
CA ASN B 135 -4.87 22.64 1.96
C ASN B 135 -3.38 22.38 2.22
N LEU B 136 -2.58 22.39 1.16
CA LEU B 136 -1.13 22.17 1.29
C LEU B 136 -0.40 23.44 1.70
N LYS B 137 -0.65 24.55 0.99
CA LYS B 137 0.11 25.78 1.12
C LYS B 137 -0.47 26.70 2.18
N THR B 138 -1.07 26.13 3.24
CA THR B 138 -1.58 26.94 4.32
C THR B 138 -0.46 27.76 4.96
N ARG B 139 -0.83 28.92 5.52
CA ARG B 139 0.10 29.79 6.23
C ARG B 139 0.17 29.49 7.72
N GLU B 140 -0.55 28.48 8.20
CA GLU B 140 -0.56 28.11 9.61
C GLU B 140 0.35 26.94 9.93
N GLY B 141 1.22 26.54 9.01
CA GLY B 141 2.14 25.44 9.22
C GLY B 141 1.66 24.11 8.67
N ASN B 142 1.05 23.29 9.52
CA ASN B 142 0.65 21.94 9.15
C ASN B 142 -0.54 21.96 8.21
N VAL B 143 -0.64 20.91 7.39
CA VAL B 143 -1.74 20.80 6.42
C VAL B 143 -3.02 20.38 7.13
N ARG B 144 -4.15 20.76 6.55
CA ARG B 144 -5.45 20.53 7.18
C ARG B 144 -6.51 20.32 6.11
N VAL B 145 -7.58 19.62 6.51
CA VAL B 145 -8.65 19.27 5.59
C VAL B 145 -9.53 20.51 5.38
N SER B 146 -9.49 21.06 4.18
CA SER B 146 -10.26 22.26 3.86
C SER B 146 -11.75 21.94 3.71
N ARG B 147 -12.07 20.86 3.00
CA ARG B 147 -13.46 20.55 2.65
C ARG B 147 -13.76 19.07 2.80
N GLU B 148 -14.96 18.77 3.32
CA GLU B 148 -15.50 17.42 3.41
C GLU B 148 -16.69 17.34 2.47
N LEU B 149 -16.42 17.05 1.20
CA LEU B 149 -17.44 16.92 0.16
C LEU B 149 -18.16 15.60 0.36
N ALA B 150 -19.32 15.65 1.04
CA ALA B 150 -20.06 14.47 1.47
C ALA B 150 -21.49 14.56 0.96
N GLY B 151 -21.71 14.09 -0.27
CA GLY B 151 -23.04 13.97 -0.85
C GLY B 151 -23.27 12.66 -1.59
N HIS B 152 -22.21 11.89 -1.83
CA HIS B 152 -22.33 10.61 -2.52
C HIS B 152 -22.97 9.57 -1.59
N THR B 153 -23.55 8.55 -2.23
CA THR B 153 -24.21 7.45 -1.52
C THR B 153 -23.41 6.15 -1.54
N GLY B 154 -22.56 5.95 -2.55
CA GLY B 154 -21.59 4.88 -2.56
C GLY B 154 -20.20 5.40 -2.21
N TYR B 155 -19.21 4.55 -2.49
CA TYR B 155 -17.83 4.95 -2.26
C TYR B 155 -17.33 5.83 -3.38
N LEU B 156 -16.21 6.53 -3.11
CA LEU B 156 -15.52 7.33 -4.10
C LEU B 156 -14.42 6.51 -4.74
N SER B 157 -14.32 6.57 -6.08
CA SER B 157 -13.31 5.81 -6.81
C SER B 157 -12.30 6.67 -7.56
N CYS B 158 -12.67 7.89 -7.94
CA CYS B 158 -11.75 8.79 -8.64
C CYS B 158 -12.21 10.22 -8.39
N CYS B 159 -11.24 11.12 -8.22
CA CYS B 159 -11.48 12.54 -8.08
C CYS B 159 -10.41 13.26 -8.88
N ARG B 160 -10.81 14.28 -9.63
CA ARG B 160 -9.88 15.07 -10.44
C ARG B 160 -10.24 16.53 -10.33
N PHE B 161 -9.21 17.38 -10.39
CA PHE B 161 -9.35 18.81 -10.18
C PHE B 161 -9.48 19.51 -11.53
N LEU B 162 -10.48 20.38 -11.64
CA LEU B 162 -10.55 21.31 -12.76
C LEU B 162 -9.66 22.51 -12.49
N ASP B 163 -9.97 23.24 -11.43
CA ASP B 163 -9.13 24.29 -10.89
C ASP B 163 -9.24 24.24 -9.38
N ASP B 164 -8.60 25.18 -8.71
CA ASP B 164 -8.47 25.17 -7.25
C ASP B 164 -9.82 25.25 -6.52
N ASN B 165 -10.95 25.33 -7.22
CA ASN B 165 -12.25 25.56 -6.59
C ASN B 165 -13.34 24.55 -6.96
N GLN B 166 -13.20 23.77 -8.03
CA GLN B 166 -14.24 22.81 -8.42
C GLN B 166 -13.64 21.47 -8.76
N ILE B 167 -14.28 20.41 -8.27
CA ILE B 167 -13.77 19.03 -8.31
C ILE B 167 -14.82 18.14 -8.96
N VAL B 168 -14.35 17.19 -9.80
CA VAL B 168 -15.25 16.21 -10.40
C VAL B 168 -14.89 14.84 -9.84
N THR B 169 -15.90 14.16 -9.28
CA THR B 169 -15.70 12.97 -8.46
C THR B 169 -16.70 11.90 -8.86
N SER B 170 -16.19 10.70 -9.21
CA SER B 170 -17.04 9.57 -9.55
C SER B 170 -17.21 8.67 -8.33
N SER B 171 -18.41 8.11 -8.17
CA SER B 171 -18.72 7.34 -6.98
C SER B 171 -19.03 5.89 -7.33
N GLY B 172 -19.33 5.10 -6.30
CA GLY B 172 -19.76 3.73 -6.46
C GLY B 172 -21.26 3.59 -6.57
N ASP B 173 -21.98 4.71 -6.57
CA ASP B 173 -23.43 4.73 -6.78
C ASP B 173 -23.77 5.04 -8.23
N THR B 174 -22.79 4.90 -9.14
CA THR B 174 -22.97 5.02 -10.58
C THR B 174 -23.09 6.47 -11.05
N THR B 175 -22.80 7.45 -10.19
CA THR B 175 -22.90 8.86 -10.53
C THR B 175 -21.52 9.50 -10.43
N CYS B 176 -21.15 10.23 -11.47
CA CYS B 176 -20.12 11.25 -11.33
C CYS B 176 -20.78 12.53 -10.81
N ALA B 177 -19.97 13.47 -10.34
CA ALA B 177 -20.50 14.69 -9.77
C ALA B 177 -19.51 15.82 -10.02
N LEU B 178 -20.03 17.05 -10.10
CA LEU B 178 -19.24 18.27 -10.10
C LEU B 178 -19.61 19.07 -8.85
N TRP B 179 -18.61 19.39 -8.05
CA TRP B 179 -18.75 20.16 -6.82
C TRP B 179 -18.03 21.48 -6.96
N ASP B 180 -18.63 22.54 -6.42
CA ASP B 180 -17.94 23.80 -6.19
C ASP B 180 -17.29 23.73 -4.81
N ILE B 181 -15.96 23.58 -4.78
CA ILE B 181 -15.27 23.27 -3.53
C ILE B 181 -15.52 24.36 -2.50
N GLU B 182 -15.49 25.62 -2.93
CA GLU B 182 -15.74 26.74 -2.01
C GLU B 182 -17.14 26.65 -1.41
N THR B 183 -18.14 26.35 -2.24
CA THR B 183 -19.54 26.37 -1.79
C THR B 183 -19.83 25.24 -0.80
N GLY B 184 -19.34 24.04 -1.09
CA GLY B 184 -19.57 22.87 -0.26
C GLY B 184 -20.68 21.95 -0.75
N GLN B 185 -21.38 22.32 -1.82
CA GLN B 185 -22.51 21.54 -2.32
C GLN B 185 -22.33 21.34 -3.81
N GLN B 186 -22.99 20.32 -4.34
CA GLN B 186 -22.69 19.78 -5.65
C GLN B 186 -23.23 20.68 -6.76
N THR B 187 -22.35 21.04 -7.70
CA THR B 187 -22.77 21.79 -8.89
C THR B 187 -23.77 20.98 -9.70
N THR B 188 -23.37 19.80 -10.15
CA THR B 188 -24.23 18.94 -10.94
C THR B 188 -23.97 17.48 -10.59
N THR B 189 -24.93 16.63 -10.95
CA THR B 189 -24.87 15.19 -10.69
C THR B 189 -24.95 14.48 -12.04
N PHE B 190 -23.80 14.07 -12.56
CA PHE B 190 -23.72 13.34 -13.83
C PHE B 190 -24.19 11.91 -13.57
N THR B 191 -25.48 11.68 -13.75
CA THR B 191 -26.11 10.40 -13.54
C THR B 191 -26.47 9.77 -14.88
N GLY B 192 -26.60 8.45 -14.90
CA GLY B 192 -26.89 7.72 -16.10
C GLY B 192 -26.25 6.34 -16.19
N HIS B 193 -25.20 6.09 -15.41
CA HIS B 193 -24.52 4.81 -15.47
C HIS B 193 -25.35 3.72 -14.79
N THR B 194 -25.01 2.47 -15.11
CA THR B 194 -25.64 1.29 -14.51
C THR B 194 -24.70 0.48 -13.64
N GLY B 195 -23.38 0.59 -13.84
CA GLY B 195 -22.36 -0.07 -12.99
C GLY B 195 -21.56 0.98 -12.26
N ASP B 196 -20.89 0.65 -11.15
CA ASP B 196 -20.15 1.64 -10.33
C ASP B 196 -19.12 2.34 -11.19
N VAL B 197 -19.09 3.66 -11.21
CA VAL B 197 -18.05 4.39 -11.99
C VAL B 197 -16.71 4.02 -11.36
N MET B 198 -15.69 3.63 -12.14
CA MET B 198 -14.39 3.18 -11.70
C MET B 198 -13.27 4.17 -11.99
N SER B 199 -13.41 5.02 -13.01
CA SER B 199 -12.37 6.02 -13.25
C SER B 199 -12.91 7.11 -14.15
N LEU B 200 -12.73 8.36 -13.76
CA LEU B 200 -13.07 9.51 -14.58
C LEU B 200 -11.79 10.17 -15.05
N SER B 201 -11.80 10.69 -16.28
CA SER B 201 -10.63 11.30 -16.91
C SER B 201 -11.05 12.62 -17.53
N LEU B 202 -10.50 13.72 -17.00
CA LEU B 202 -10.82 15.07 -17.48
C LEU B 202 -10.25 15.27 -18.86
N ALA B 203 -11.03 15.90 -19.75
CA ALA B 203 -10.51 16.28 -21.04
C ALA B 203 -9.43 17.35 -20.84
N PRO B 204 -8.40 17.38 -21.70
CA PRO B 204 -7.32 18.37 -21.49
C PRO B 204 -7.84 19.79 -21.35
N ASP B 205 -8.89 20.13 -22.10
CA ASP B 205 -9.53 21.45 -22.05
C ASP B 205 -10.54 21.57 -20.93
N THR B 206 -10.74 20.53 -20.13
CA THR B 206 -11.68 20.50 -18.99
C THR B 206 -13.07 21.01 -19.37
N ARG B 207 -13.43 20.94 -20.65
CA ARG B 207 -14.78 21.22 -21.12
C ARG B 207 -15.67 19.98 -21.12
N LEU B 208 -15.13 18.82 -20.77
CA LEU B 208 -15.82 17.53 -20.87
C LEU B 208 -14.89 16.47 -20.28
N PHE B 209 -15.41 15.27 -20.08
CA PHE B 209 -14.62 14.22 -19.43
C PHE B 209 -15.29 12.86 -19.63
N VAL B 210 -14.45 11.81 -19.72
CA VAL B 210 -14.96 10.44 -19.83
C VAL B 210 -15.05 9.83 -18.44
N SER B 211 -15.86 8.78 -18.33
CA SER B 211 -15.94 8.01 -17.09
C SER B 211 -16.26 6.57 -17.42
N GLY B 212 -15.42 5.66 -16.93
CA GLY B 212 -15.61 4.22 -17.12
C GLY B 212 -16.10 3.57 -15.84
N ALA B 213 -17.05 2.65 -16.00
CA ALA B 213 -17.85 2.10 -14.91
C ALA B 213 -17.94 0.59 -15.05
N CYS B 214 -18.59 -0.05 -14.06
CA CYS B 214 -18.67 -1.50 -13.97
C CYS B 214 -19.84 -2.09 -14.75
N ASP B 215 -20.38 -1.37 -15.74
CA ASP B 215 -21.36 -1.92 -16.67
C ASP B 215 -20.80 -2.03 -18.08
N ALA B 216 -19.48 -2.09 -18.21
CA ALA B 216 -18.76 -2.23 -19.48
C ALA B 216 -18.90 -1.02 -20.39
N SER B 217 -19.45 0.08 -19.89
CA SER B 217 -19.79 1.24 -20.70
C SER B 217 -19.02 2.47 -20.22
N ALA B 218 -18.50 3.23 -21.16
CA ALA B 218 -17.80 4.48 -20.90
C ALA B 218 -18.65 5.65 -21.38
N LYS B 219 -18.92 6.61 -20.49
CA LYS B 219 -19.79 7.73 -20.81
C LYS B 219 -19.00 9.02 -20.92
N LEU B 220 -19.37 9.85 -21.89
CA LEU B 220 -18.78 11.16 -22.11
C LEU B 220 -19.83 12.22 -21.79
N TRP B 221 -19.48 13.14 -20.90
CA TRP B 221 -20.39 14.14 -20.34
C TRP B 221 -19.91 15.55 -20.69
N ASP B 222 -20.81 16.52 -20.53
CA ASP B 222 -20.52 17.93 -20.71
C ASP B 222 -20.48 18.57 -19.32
N VAL B 223 -19.30 19.04 -18.93
CA VAL B 223 -19.04 19.42 -17.54
C VAL B 223 -20.02 20.47 -17.02
N ARG B 224 -20.63 21.26 -17.90
CA ARG B 224 -21.49 22.37 -17.50
C ARG B 224 -22.97 22.03 -17.64
N GLU B 225 -23.40 21.54 -18.80
CA GLU B 225 -24.79 21.14 -18.98
C GLU B 225 -25.20 20.03 -18.03
N GLY B 226 -24.24 19.29 -17.46
CA GLY B 226 -24.57 18.27 -16.48
C GLY B 226 -25.39 17.13 -17.05
N MET B 227 -25.02 16.61 -18.22
CA MET B 227 -25.79 15.58 -18.91
C MET B 227 -24.89 14.85 -19.89
N CYS B 228 -25.10 13.54 -19.99
CA CYS B 228 -24.26 12.72 -20.86
C CYS B 228 -24.32 13.21 -22.30
N ARG B 229 -23.30 12.86 -23.07
CA ARG B 229 -23.22 13.24 -24.47
C ARG B 229 -22.92 12.03 -25.34
N GLN B 230 -22.27 11.02 -24.77
CA GLN B 230 -22.06 9.78 -25.51
C GLN B 230 -21.93 8.61 -24.55
N THR B 231 -22.14 7.40 -25.09
CA THR B 231 -21.83 6.15 -24.42
C THR B 231 -21.10 5.25 -25.41
N PHE B 232 -20.05 4.58 -24.93
CA PHE B 232 -19.25 3.65 -25.72
C PHE B 232 -19.29 2.30 -25.03
N THR B 233 -19.26 1.24 -25.86
CA THR B 233 -19.29 -0.14 -25.37
C THR B 233 -18.57 -0.98 -26.41
N GLY B 234 -17.30 -1.29 -26.14
CA GLY B 234 -16.54 -2.26 -26.90
C GLY B 234 -15.72 -3.15 -25.99
N HIS B 235 -15.91 -3.05 -24.67
CA HIS B 235 -15.14 -3.78 -23.62
C HIS B 235 -16.05 -4.85 -23.02
N GLU B 236 -15.59 -6.09 -22.88
CA GLU B 236 -16.44 -7.22 -22.37
C GLU B 236 -16.89 -7.07 -20.92
N SER B 237 -16.02 -6.67 -19.99
CA SER B 237 -16.31 -6.66 -18.53
C SER B 237 -16.16 -5.28 -17.89
N ASP B 238 -16.25 -5.20 -16.56
CA ASP B 238 -16.20 -3.92 -15.85
C ASP B 238 -14.98 -3.11 -16.29
N ILE B 239 -15.14 -1.80 -16.34
CA ILE B 239 -14.07 -0.88 -16.71
C ILE B 239 -13.40 -0.42 -15.43
N ASN B 240 -12.08 -0.65 -15.33
CA ASN B 240 -11.33 -0.34 -14.12
C ASN B 240 -10.63 1.00 -14.21
N ALA B 241 -10.11 1.35 -15.39
CA ALA B 241 -9.31 2.55 -15.53
C ALA B 241 -9.57 3.21 -16.88
N ILE B 242 -9.40 4.53 -16.93
CA ILE B 242 -9.68 5.31 -18.13
C ILE B 242 -8.74 6.50 -18.17
N CYS B 243 -8.27 6.85 -19.36
CA CYS B 243 -7.37 7.99 -19.51
C CYS B 243 -7.58 8.63 -20.87
N PHE B 244 -7.90 9.92 -20.87
CA PHE B 244 -8.11 10.67 -22.12
C PHE B 244 -6.78 10.87 -22.85
N PHE B 245 -6.85 10.88 -24.17
CA PHE B 245 -5.68 11.11 -24.99
C PHE B 245 -5.19 12.55 -24.82
N PRO B 246 -3.90 12.83 -25.08
CA PRO B 246 -3.44 14.24 -25.06
C PRO B 246 -4.26 15.18 -25.93
N ASN B 247 -4.71 14.73 -27.10
CA ASN B 247 -5.61 15.53 -27.93
C ASN B 247 -6.86 15.94 -27.16
N GLY B 248 -7.40 15.01 -26.36
CA GLY B 248 -8.77 15.10 -25.90
C GLY B 248 -9.78 14.55 -26.89
N ASN B 249 -9.33 13.85 -27.92
CA ASN B 249 -10.18 13.29 -28.97
C ASN B 249 -10.47 11.81 -28.78
N ALA B 250 -9.49 11.03 -28.34
CA ALA B 250 -9.66 9.62 -28.00
C ALA B 250 -9.52 9.44 -26.50
N PHE B 251 -9.78 8.22 -26.04
CA PHE B 251 -9.39 7.81 -24.70
C PHE B 251 -9.13 6.31 -24.70
N ALA B 252 -8.38 5.86 -23.70
CA ALA B 252 -8.11 4.44 -23.48
C ALA B 252 -8.86 3.97 -22.25
N THR B 253 -9.39 2.76 -22.33
CA THR B 253 -10.11 2.12 -21.25
C THR B 253 -9.49 0.76 -20.96
N GLY B 254 -9.40 0.41 -19.69
CA GLY B 254 -8.88 -0.87 -19.25
C GLY B 254 -9.86 -1.53 -18.29
N SER B 255 -10.09 -2.83 -18.51
CA SER B 255 -11.22 -3.54 -17.94
C SER B 255 -10.78 -4.89 -17.41
N ASP B 256 -11.71 -5.55 -16.71
CA ASP B 256 -11.50 -6.90 -16.16
C ASP B 256 -11.39 -7.97 -17.23
N ASP B 257 -11.69 -7.66 -18.48
CA ASP B 257 -11.52 -8.60 -19.58
C ASP B 257 -10.05 -8.87 -19.88
N ALA B 258 -9.13 -8.12 -19.28
CA ALA B 258 -7.69 -8.26 -19.51
C ALA B 258 -7.31 -7.75 -20.89
N THR B 259 -7.87 -6.60 -21.27
CA THR B 259 -7.51 -5.92 -22.52
C THR B 259 -7.81 -4.43 -22.35
N CYS B 260 -7.24 -3.61 -23.25
CA CYS B 260 -7.55 -2.20 -23.33
C CYS B 260 -8.18 -1.89 -24.69
N ARG B 261 -8.89 -0.76 -24.74
CA ARG B 261 -9.59 -0.32 -25.95
C ARG B 261 -9.42 1.19 -26.12
N LEU B 262 -9.22 1.61 -27.37
CA LEU B 262 -9.31 3.03 -27.75
C LEU B 262 -10.75 3.34 -28.15
N PHE B 263 -11.37 4.27 -27.43
CA PHE B 263 -12.67 4.83 -27.78
C PHE B 263 -12.43 6.24 -28.30
N ASP B 264 -12.62 6.44 -29.61
CA ASP B 264 -12.47 7.75 -30.23
C ASP B 264 -13.77 8.53 -30.08
N LEU B 265 -13.64 9.81 -29.68
CA LEU B 265 -14.82 10.58 -29.30
C LEU B 265 -15.61 11.04 -30.52
N ARG B 266 -14.94 11.42 -31.61
CA ARG B 266 -15.64 11.91 -32.79
C ARG B 266 -16.46 10.81 -33.46
N ALA B 267 -15.86 9.62 -33.62
CA ALA B 267 -16.52 8.49 -34.25
C ALA B 267 -17.42 7.71 -33.31
N ASP B 268 -17.48 8.08 -32.03
CA ASP B 268 -18.43 7.51 -31.08
C ASP B 268 -18.30 5.98 -30.97
N GLN B 269 -17.11 5.44 -31.20
CA GLN B 269 -16.94 3.99 -31.24
C GLN B 269 -15.48 3.65 -30.90
N GLU B 270 -15.08 2.41 -31.19
CA GLU B 270 -13.78 1.87 -30.85
C GLU B 270 -12.87 1.90 -32.08
N LEU B 271 -11.56 1.93 -31.81
CA LEU B 271 -10.51 1.95 -32.83
C LEU B 271 -9.53 0.80 -32.70
N MET B 272 -9.16 0.42 -31.47
CA MET B 272 -8.11 -0.56 -31.26
C MET B 272 -8.44 -1.38 -30.01
N THR B 273 -7.83 -2.56 -29.95
CA THR B 273 -7.90 -3.44 -28.79
C THR B 273 -6.49 -3.84 -28.40
N TYR B 274 -6.21 -3.85 -27.10
CA TYR B 274 -4.89 -4.15 -26.55
C TYR B 274 -5.05 -5.42 -25.73
N SER B 275 -4.71 -6.55 -26.35
CA SER B 275 -4.99 -7.86 -25.80
C SER B 275 -3.79 -8.77 -26.03
N HIS B 276 -3.71 -9.83 -25.25
CA HIS B 276 -2.67 -10.82 -25.45
C HIS B 276 -3.13 -12.16 -24.89
N ASP B 277 -2.65 -13.24 -25.50
CA ASP B 277 -3.07 -14.58 -25.13
C ASP B 277 -2.70 -14.89 -23.68
N ASN B 278 -1.49 -14.50 -23.27
CA ASN B 278 -1.03 -14.78 -21.91
C ASN B 278 -1.85 -14.06 -20.87
N ILE B 279 -2.17 -12.78 -21.10
CA ILE B 279 -2.83 -11.96 -20.08
C ILE B 279 -4.25 -12.47 -19.85
N ILE B 280 -4.55 -12.80 -18.60
CA ILE B 280 -5.91 -13.19 -18.22
C ILE B 280 -6.33 -12.47 -16.95
N CYS B 281 -5.62 -11.41 -16.59
CA CYS B 281 -5.80 -10.71 -15.32
C CYS B 281 -6.36 -9.33 -15.57
N GLY B 282 -7.24 -8.88 -14.68
CA GLY B 282 -7.95 -7.64 -14.88
C GLY B 282 -7.04 -6.45 -14.67
N ILE B 283 -6.81 -5.65 -15.71
CA ILE B 283 -5.92 -4.50 -15.61
C ILE B 283 -6.59 -3.41 -14.79
N THR B 284 -5.86 -2.90 -13.80
CA THR B 284 -6.41 -2.00 -12.80
C THR B 284 -5.89 -0.58 -12.90
N SER B 285 -5.01 -0.28 -13.86
CA SER B 285 -4.61 1.10 -14.07
C SER B 285 -4.27 1.31 -15.54
N VAL B 286 -4.46 2.54 -16.00
CA VAL B 286 -4.14 2.91 -17.38
C VAL B 286 -3.77 4.38 -17.41
N SER B 287 -2.84 4.72 -18.31
CA SER B 287 -2.57 6.12 -18.60
C SER B 287 -1.64 6.22 -19.79
N PHE B 288 -1.86 7.22 -20.63
CA PHE B 288 -0.95 7.47 -21.75
C PHE B 288 0.32 8.14 -21.25
N SER B 289 1.34 8.11 -22.10
CA SER B 289 2.51 8.96 -21.93
C SER B 289 2.10 10.38 -22.31
N LYS B 290 3.06 11.29 -22.44
CA LYS B 290 2.72 12.65 -22.82
C LYS B 290 2.46 12.77 -24.32
N SER B 291 3.32 12.21 -25.15
CA SER B 291 3.10 12.25 -26.59
C SER B 291 1.83 11.51 -26.96
N GLY B 292 1.78 10.20 -26.67
CA GLY B 292 0.60 9.39 -26.90
C GLY B 292 0.89 8.06 -27.55
N ARG B 293 2.05 7.92 -28.19
CA ARG B 293 2.35 6.71 -28.96
C ARG B 293 2.45 5.48 -28.07
N LEU B 294 2.68 5.66 -26.76
CA LEU B 294 2.75 4.57 -25.79
C LEU B 294 1.56 4.65 -24.85
N LEU B 295 1.22 3.50 -24.26
CA LEU B 295 0.11 3.38 -23.32
C LEU B 295 0.55 2.50 -22.16
N LEU B 296 0.54 3.06 -20.96
CA LEU B 296 0.97 2.37 -19.74
C LEU B 296 -0.26 1.69 -19.15
N ALA B 297 -0.32 0.37 -19.27
CA ALA B 297 -1.42 -0.42 -18.71
C ALA B 297 -0.87 -1.18 -17.52
N GLY B 298 -1.26 -0.77 -16.31
CA GLY B 298 -0.88 -1.48 -15.11
C GLY B 298 -1.81 -2.64 -14.84
N TYR B 299 -1.31 -3.85 -15.13
CA TYR B 299 -2.03 -5.11 -15.09
C TYR B 299 -2.13 -5.60 -13.66
N ASP B 300 -2.58 -6.83 -13.47
CA ASP B 300 -2.89 -7.36 -12.17
C ASP B 300 -2.14 -8.64 -11.85
N ASP B 301 -1.30 -9.13 -12.76
CA ASP B 301 -0.29 -10.15 -12.51
C ASP B 301 1.02 -9.54 -12.02
N PHE B 302 0.94 -8.40 -11.32
CA PHE B 302 2.01 -7.66 -10.68
C PHE B 302 2.82 -6.82 -11.66
N ASN B 303 2.60 -6.94 -12.96
CA ASN B 303 3.40 -6.23 -13.95
C ASN B 303 2.68 -4.94 -14.38
N CYS B 304 3.35 -4.19 -15.25
CA CYS B 304 2.73 -3.19 -16.10
C CYS B 304 3.30 -3.38 -17.50
N ASN B 305 2.45 -3.21 -18.51
CA ASN B 305 2.88 -3.33 -19.90
C ASN B 305 2.83 -1.95 -20.55
N VAL B 306 3.61 -1.82 -21.62
CA VAL B 306 3.72 -0.58 -22.37
C VAL B 306 3.30 -0.96 -23.79
N TRP B 307 2.06 -0.62 -24.13
CA TRP B 307 1.43 -0.94 -25.41
C TRP B 307 1.67 0.19 -26.42
N ASP B 308 2.13 -0.17 -27.61
CA ASP B 308 2.21 0.78 -28.71
C ASP B 308 0.79 1.12 -29.16
N ALA B 309 0.28 2.26 -28.69
CA ALA B 309 -1.15 2.55 -28.83
C ALA B 309 -1.62 2.52 -30.28
N LEU B 310 -0.77 2.92 -31.21
CA LEU B 310 -1.12 2.94 -32.63
C LEU B 310 -0.89 1.59 -33.31
N LYS B 311 -0.23 0.66 -32.63
CA LYS B 311 0.01 -0.68 -33.17
C LYS B 311 -0.65 -1.78 -32.35
N ALA B 312 -0.99 -1.52 -31.09
CA ALA B 312 -1.54 -2.50 -30.16
C ALA B 312 -0.59 -3.66 -29.90
N ASP B 313 0.65 -3.57 -30.36
CA ASP B 313 1.69 -4.50 -29.94
C ASP B 313 2.05 -4.22 -28.48
N ARG B 314 2.70 -5.20 -27.85
CA ARG B 314 3.36 -4.97 -26.58
C ARG B 314 4.82 -4.68 -26.90
N ALA B 315 5.28 -3.49 -26.53
CA ALA B 315 6.69 -3.16 -26.63
C ALA B 315 7.39 -3.28 -25.28
N GLY B 316 6.96 -2.52 -24.28
CA GLY B 316 7.67 -2.41 -23.02
C GLY B 316 7.03 -3.27 -21.94
N VAL B 317 7.84 -3.66 -20.96
CA VAL B 317 7.36 -4.45 -19.83
C VAL B 317 8.06 -3.92 -18.59
N LEU B 318 7.31 -3.20 -17.75
CA LEU B 318 7.85 -2.77 -16.46
C LEU B 318 7.41 -3.77 -15.40
N ALA B 319 8.34 -4.61 -14.93
CA ALA B 319 7.98 -5.69 -14.03
C ALA B 319 8.09 -5.17 -12.61
N GLY B 320 9.28 -4.97 -12.06
CA GLY B 320 9.45 -4.13 -10.90
C GLY B 320 8.80 -4.65 -9.63
N HIS B 321 7.48 -4.81 -9.68
CA HIS B 321 6.67 -4.91 -8.47
C HIS B 321 6.50 -6.36 -8.03
N ASP B 322 6.04 -6.52 -6.79
CA ASP B 322 5.80 -7.82 -6.19
C ASP B 322 4.38 -7.92 -5.63
N ASN B 323 3.44 -7.22 -6.25
CA ASN B 323 2.01 -7.35 -5.93
C ASN B 323 1.23 -6.60 -7.01
N ARG B 324 -0.07 -6.51 -6.80
CA ARG B 324 -0.95 -5.79 -7.72
C ARG B 324 -0.49 -4.34 -7.88
N VAL B 325 -0.30 -3.89 -9.12
CA VAL B 325 -0.03 -2.48 -9.40
C VAL B 325 -1.37 -1.77 -9.47
N SER B 326 -1.72 -1.02 -8.42
CA SER B 326 -3.07 -0.50 -8.25
C SER B 326 -3.24 0.93 -8.72
N CYS B 327 -2.19 1.57 -9.22
CA CYS B 327 -2.31 2.93 -9.72
C CYS B 327 -1.13 3.21 -10.64
N LEU B 328 -1.27 4.27 -11.43
CA LEU B 328 -0.27 4.60 -12.43
C LEU B 328 -0.56 6.02 -12.91
N GLY B 329 0.49 6.72 -13.32
CA GLY B 329 0.34 8.07 -13.82
C GLY B 329 1.63 8.65 -14.34
N VAL B 330 1.61 9.28 -15.52
CA VAL B 330 2.79 9.90 -16.11
C VAL B 330 2.82 11.37 -15.70
N THR B 331 4.02 11.95 -15.74
CA THR B 331 4.21 13.35 -15.41
C THR B 331 3.59 14.24 -16.49
N ASP B 332 3.21 15.45 -16.10
CA ASP B 332 2.66 16.39 -17.07
C ASP B 332 3.66 16.74 -18.17
N ASP B 333 4.95 16.50 -17.95
CA ASP B 333 6.00 16.77 -18.93
C ASP B 333 6.61 15.49 -19.50
N GLY B 334 5.97 14.33 -19.26
CA GLY B 334 6.46 13.06 -19.75
C GLY B 334 7.82 12.68 -19.23
N MET B 335 8.10 12.87 -17.95
CA MET B 335 9.42 12.65 -17.40
C MET B 335 9.57 11.28 -16.73
N ALA B 336 8.47 10.64 -16.34
CA ALA B 336 8.54 9.34 -15.68
C ALA B 336 7.14 8.77 -15.53
N VAL B 337 7.07 7.53 -15.05
CA VAL B 337 5.83 6.86 -14.68
C VAL B 337 5.95 6.47 -13.21
N ALA B 338 4.97 6.83 -12.40
CA ALA B 338 4.88 6.33 -11.05
C ALA B 338 3.91 5.17 -11.02
N THR B 339 4.34 4.04 -10.47
CA THR B 339 3.48 2.87 -10.31
C THR B 339 3.42 2.53 -8.84
N GLY B 340 2.21 2.54 -8.27
CA GLY B 340 2.00 2.20 -6.87
C GLY B 340 1.31 0.86 -6.72
N SER B 341 2.01 -0.16 -6.23
CA SER B 341 1.45 -1.49 -6.17
C SER B 341 0.92 -1.76 -4.76
N TRP B 342 0.47 -3.00 -4.55
CA TRP B 342 -0.03 -3.42 -3.25
C TRP B 342 1.08 -3.91 -2.33
N ASP B 343 2.32 -3.95 -2.80
CA ASP B 343 3.48 -4.26 -1.99
C ASP B 343 3.97 -3.06 -1.18
N SER B 344 3.32 -1.89 -1.34
CA SER B 344 3.61 -0.67 -0.60
C SER B 344 4.81 0.09 -1.13
N PHE B 345 5.24 -0.14 -2.37
CA PHE B 345 6.33 0.60 -3.00
C PHE B 345 5.81 1.35 -4.20
N LEU B 346 6.16 2.63 -4.31
CA LEU B 346 5.98 3.38 -5.54
C LEU B 346 7.29 3.32 -6.31
N LYS B 347 7.23 2.79 -7.52
CA LYS B 347 8.38 2.73 -8.40
C LYS B 347 8.22 3.80 -9.47
N ILE B 348 9.19 4.69 -9.56
CA ILE B 348 9.22 5.70 -10.61
C ILE B 348 10.16 5.22 -11.69
N TRP B 349 9.76 5.39 -12.95
CA TRP B 349 10.44 4.80 -14.11
C TRP B 349 10.72 5.91 -15.11
N ASN B 350 11.93 5.95 -15.66
CA ASN B 350 12.25 6.84 -16.76
C ASN B 350 12.35 6.02 -18.02
N VAL C 40 3.13 33.53 13.47
CA VAL C 40 1.90 34.29 13.66
C VAL C 40 1.99 35.09 14.96
N GLN C 41 2.34 34.44 16.07
CA GLN C 41 2.55 35.12 17.35
C GLN C 41 3.90 34.70 17.91
N LEU C 42 4.95 35.43 17.53
CA LEU C 42 6.32 35.20 18.01
C LEU C 42 6.67 36.36 18.94
N VAL C 43 6.45 36.16 20.24
CA VAL C 43 6.67 37.19 21.24
C VAL C 43 7.98 36.86 21.96
N GLU C 44 9.05 37.59 21.64
CA GLU C 44 10.30 37.46 22.38
C GLU C 44 10.23 38.26 23.68
N SER C 45 10.97 37.79 24.68
CA SER C 45 10.95 38.43 26.00
C SER C 45 12.23 38.10 26.76
N GLY C 46 12.49 38.90 27.79
CA GLY C 46 13.63 38.73 28.67
C GLY C 46 14.69 39.79 28.55
N GLY C 47 14.78 40.48 27.42
CA GLY C 47 15.81 41.48 27.20
C GLY C 47 15.67 42.64 28.18
N GLY C 48 16.50 43.65 27.95
CA GLY C 48 16.56 44.83 28.79
C GLY C 48 17.96 45.18 29.22
N LEU C 49 18.11 45.68 30.45
CA LEU C 49 19.43 46.06 30.96
C LEU C 49 20.25 44.82 31.28
N VAL C 50 21.59 44.99 31.24
CA VAL C 50 22.53 43.94 31.61
C VAL C 50 23.79 44.59 32.15
N GLN C 51 24.61 43.77 32.89
CA GLN C 51 25.99 44.08 33.25
C GLN C 51 26.93 43.31 32.33
N PRO C 52 28.12 43.84 32.02
CA PRO C 52 29.01 43.16 31.08
C PRO C 52 29.38 41.77 31.59
N GLY C 53 29.56 40.84 30.65
CA GLY C 53 29.89 39.46 30.99
C GLY C 53 28.83 38.70 31.74
N GLY C 54 27.73 39.35 32.12
CA GLY C 54 26.66 38.71 32.88
C GLY C 54 25.91 37.66 32.09
N SER C 55 24.72 37.29 32.56
CA SER C 55 23.94 36.20 31.98
C SER C 55 22.48 36.58 31.90
N ARG C 56 21.78 36.00 30.93
CA ARG C 56 20.32 36.15 30.85
C ARG C 56 19.73 35.01 30.03
N LYS C 57 18.40 34.93 30.05
CA LYS C 57 17.66 33.84 29.40
C LYS C 57 16.51 34.46 28.60
N LEU C 58 16.74 34.65 27.30
CA LEU C 58 15.71 35.16 26.40
C LEU C 58 14.78 34.03 25.98
N SER C 59 13.49 34.33 25.88
CA SER C 59 12.50 33.35 25.48
C SER C 59 11.71 33.88 24.28
N CYS C 60 11.05 32.95 23.60
CA CYS C 60 10.19 33.22 22.45
C CYS C 60 8.91 32.42 22.65
N SER C 61 7.85 33.08 23.09
CA SER C 61 6.52 32.47 23.13
C SER C 61 5.97 32.46 21.71
N ALA C 62 5.90 31.26 21.12
CA ALA C 62 5.54 31.08 19.72
C ALA C 62 4.20 30.35 19.65
N SER C 63 3.18 31.02 19.12
CA SER C 63 1.82 30.48 19.10
C SER C 63 1.16 30.79 17.77
N GLY C 64 0.18 29.95 17.42
CA GLY C 64 -0.64 30.12 16.25
C GLY C 64 -0.23 29.34 15.02
N PHE C 65 0.57 28.28 15.17
CA PHE C 65 1.08 27.54 14.00
C PHE C 65 1.67 26.21 14.47
N ALA C 66 2.33 25.51 13.54
CA ALA C 66 2.88 24.17 13.78
C ALA C 66 4.33 24.27 14.28
N PHE C 67 4.45 24.84 15.49
CA PHE C 67 5.74 25.12 16.12
C PHE C 67 6.78 24.03 15.87
N SER C 68 6.44 22.79 16.20
CA SER C 68 7.42 21.72 16.18
C SER C 68 7.99 21.49 14.78
N SER C 69 7.16 21.57 13.74
CA SER C 69 7.62 21.34 12.38
C SER C 69 8.47 22.48 11.85
N PHE C 70 8.61 23.58 12.60
CA PHE C 70 9.33 24.76 12.14
C PHE C 70 10.75 24.76 12.71
N GLY C 71 11.74 24.72 11.82
CA GLY C 71 13.06 25.21 12.17
C GLY C 71 13.00 26.66 12.61
N MET C 72 13.95 27.05 13.47
CA MET C 72 13.88 28.35 14.12
C MET C 72 15.26 28.99 14.16
N HIS C 73 15.29 30.30 13.97
CA HIS C 73 16.51 31.09 14.04
C HIS C 73 16.36 32.20 15.08
N TRP C 74 17.50 32.76 15.47
CA TRP C 74 17.58 34.04 16.15
C TRP C 74 18.41 34.97 15.29
N VAL C 75 18.04 36.25 15.23
CA VAL C 75 18.83 37.23 14.48
C VAL C 75 18.92 38.53 15.26
N ARG C 76 20.08 39.17 15.16
CA ARG C 76 20.43 40.35 15.93
C ARG C 76 20.56 41.54 15.00
N GLN C 77 20.26 42.72 15.55
CA GLN C 77 20.50 43.99 14.90
C GLN C 77 21.07 44.95 15.92
N ALA C 78 22.30 45.43 15.69
CA ALA C 78 22.88 46.42 16.58
C ALA C 78 22.11 47.73 16.45
N PRO C 79 21.92 48.47 17.56
CA PRO C 79 20.80 49.42 17.65
C PRO C 79 20.50 50.22 16.38
N GLU C 80 21.53 50.58 15.61
CA GLU C 80 21.35 51.35 14.39
C GLU C 80 22.27 50.84 13.27
N LYS C 81 22.58 49.55 13.27
CA LYS C 81 23.38 48.89 12.24
C LYS C 81 22.53 47.83 11.55
N GLY C 82 23.18 47.04 10.68
CA GLY C 82 22.50 46.04 9.88
C GLY C 82 22.06 44.83 10.67
N LEU C 83 21.77 43.76 9.94
CA LEU C 83 21.32 42.48 10.49
C LEU C 83 22.47 41.51 10.61
N GLU C 84 22.29 40.48 11.44
CA GLU C 84 23.16 39.32 11.40
C GLU C 84 22.53 38.15 12.14
N TRP C 85 22.65 36.95 11.55
CA TRP C 85 22.14 35.74 12.17
C TRP C 85 22.96 35.37 13.41
N VAL C 86 22.29 34.91 14.47
CA VAL C 86 22.91 34.67 15.78
C VAL C 86 23.03 33.17 16.05
N ALA C 87 21.92 32.47 16.15
CA ALA C 87 21.89 31.05 16.51
C ALA C 87 20.76 30.36 15.75
N TYR C 88 20.88 29.05 15.58
CA TYR C 88 19.92 28.26 14.82
C TYR C 88 19.68 26.93 15.51
N ILE C 89 18.41 26.57 15.63
CA ILE C 89 17.97 25.24 16.04
C ILE C 89 17.10 24.69 14.92
N SER C 90 16.97 23.37 14.86
CA SER C 90 16.24 22.71 13.79
C SER C 90 14.85 22.29 14.27
N SER C 91 14.14 21.54 13.43
CA SER C 91 12.89 20.89 13.83
C SER C 91 13.22 19.62 14.59
N GLY C 92 12.52 19.40 15.70
CA GLY C 92 12.86 18.29 16.58
C GLY C 92 14.19 18.43 17.27
N SER C 93 14.72 19.65 17.37
CA SER C 93 15.93 19.94 18.13
C SER C 93 17.09 19.03 17.70
N GLY C 94 17.19 18.79 16.39
CA GLY C 94 18.10 17.80 15.87
C GLY C 94 19.39 18.33 15.28
N THR C 95 19.53 19.65 15.18
CA THR C 95 20.73 20.25 14.60
C THR C 95 20.80 21.69 15.06
N ILE C 96 21.91 22.06 15.69
CA ILE C 96 22.17 23.42 16.13
C ILE C 96 23.33 23.97 15.32
N TYR C 97 23.21 25.22 14.89
CA TYR C 97 24.29 25.95 14.23
C TYR C 97 24.49 27.27 14.94
N TYR C 98 25.74 27.73 14.96
CA TYR C 98 26.09 28.98 15.63
C TYR C 98 27.02 29.78 14.72
N ALA C 99 26.93 31.11 14.83
CA ALA C 99 27.88 31.99 14.18
C ALA C 99 29.15 32.09 15.01
N ASP C 100 30.27 32.39 14.33
CA ASP C 100 31.57 32.34 15.00
C ASP C 100 31.58 33.16 16.28
N THR C 101 30.93 34.33 16.27
CA THR C 101 31.03 35.26 17.38
C THR C 101 30.29 34.81 18.63
N VAL C 102 29.49 33.74 18.56
CA VAL C 102 28.59 33.36 19.66
C VAL C 102 28.76 31.93 20.11
N LYS C 103 29.53 31.10 19.41
CA LYS C 103 29.69 29.71 19.84
C LYS C 103 30.39 29.66 21.19
N GLY C 104 29.93 28.83 22.12
CA GLY C 104 30.49 28.74 23.47
C GLY C 104 29.75 29.70 24.38
N ARG C 105 29.55 30.94 23.94
CA ARG C 105 28.92 31.97 24.81
C ARG C 105 27.38 31.94 24.73
N PHE C 106 26.82 31.43 23.63
CA PHE C 106 25.37 31.42 23.45
C PHE C 106 24.83 30.00 23.40
N THR C 107 23.66 29.79 24.01
CA THR C 107 22.96 28.50 23.98
C THR C 107 21.59 28.69 23.35
N ILE C 108 21.16 27.74 22.51
CA ILE C 108 19.84 27.77 21.89
C ILE C 108 19.13 26.45 22.14
N SER C 109 17.88 26.52 22.56
CA SER C 109 17.11 25.32 22.87
C SER C 109 15.63 25.61 22.64
N ARG C 110 14.81 24.57 22.66
CA ARG C 110 13.37 24.71 22.45
C ARG C 110 12.61 23.80 23.40
N ASP C 111 11.32 24.11 23.56
CA ASP C 111 10.39 23.32 24.37
C ASP C 111 9.11 23.19 23.54
N ASP C 112 9.06 22.14 22.72
CA ASP C 112 7.90 21.94 21.84
C ASP C 112 6.60 21.74 22.60
N PRO C 113 6.53 20.94 23.67
CA PRO C 113 5.26 20.85 24.41
C PRO C 113 4.80 22.18 24.96
N LYS C 114 5.72 22.98 25.53
CA LYS C 114 5.42 24.35 25.93
C LYS C 114 5.43 25.30 24.75
N ASN C 115 5.93 24.85 23.58
CA ASN C 115 5.78 25.61 22.33
C ASN C 115 6.54 26.94 22.41
N THR C 116 7.78 26.89 22.92
CA THR C 116 8.52 28.10 23.29
C THR C 116 10.01 27.89 23.10
N LEU C 117 10.67 28.85 22.47
CA LEU C 117 12.11 28.80 22.19
C LEU C 117 12.89 29.55 23.28
N PHE C 118 14.19 29.25 23.36
CA PHE C 118 15.06 29.73 24.44
C PHE C 118 16.45 30.03 23.91
N LEU C 119 17.05 31.10 24.42
CA LEU C 119 18.45 31.44 24.18
C LEU C 119 19.08 31.87 25.51
N GLN C 120 20.16 31.20 25.90
CA GLN C 120 20.93 31.58 27.08
C GLN C 120 22.09 32.46 26.64
N MET C 121 22.16 33.67 27.22
CA MET C 121 23.23 34.62 26.98
C MET C 121 24.23 34.50 28.11
N THR C 122 25.49 34.19 27.76
CA THR C 122 26.61 34.13 28.68
C THR C 122 27.85 34.70 28.00
N SER C 123 28.86 35.04 28.80
CA SER C 123 30.09 35.63 28.29
C SER C 123 29.81 36.92 27.52
N LEU C 124 28.82 37.69 28.00
CA LEU C 124 28.30 38.81 27.23
C LEU C 124 29.39 39.85 26.97
N ARG C 125 29.34 40.44 25.79
CA ARG C 125 30.22 41.52 25.38
C ARG C 125 29.41 42.79 25.17
N SER C 126 30.12 43.89 24.91
CA SER C 126 29.47 45.15 24.55
C SER C 126 28.79 45.06 23.18
N GLU C 127 29.31 44.20 22.29
CA GLU C 127 28.75 44.09 20.94
C GLU C 127 27.43 43.33 20.90
N ASP C 128 26.82 43.04 22.04
CA ASP C 128 25.55 42.32 22.11
C ASP C 128 24.41 43.17 22.63
N THR C 129 24.60 44.49 22.72
CA THR C 129 23.53 45.41 23.12
C THR C 129 22.74 45.73 21.86
N ALA C 130 21.76 44.88 21.55
CA ALA C 130 21.12 44.87 20.24
C ALA C 130 19.71 44.30 20.39
N MET C 131 18.95 44.35 19.30
CA MET C 131 17.60 43.78 19.28
C MET C 131 17.64 42.40 18.64
N TYR C 132 17.03 41.43 19.32
CA TYR C 132 17.02 40.04 18.91
C TYR C 132 15.61 39.66 18.46
N TYR C 133 15.54 38.93 17.35
CA TYR C 133 14.33 38.56 16.66
C TYR C 133 14.26 37.04 16.61
N CYS C 134 13.16 36.49 17.12
CA CYS C 134 12.85 35.08 17.04
C CYS C 134 12.19 34.80 15.70
N VAL C 135 12.69 33.81 14.97
CA VAL C 135 12.46 33.69 13.53
C VAL C 135 11.94 32.30 13.19
N ARG C 136 10.88 32.25 12.39
CA ARG C 136 10.31 31.00 11.89
C ARG C 136 10.98 30.60 10.58
N SER C 137 11.05 29.30 10.30
CA SER C 137 11.55 28.84 9.02
C SER C 137 11.33 27.35 8.80
N ILE C 138 10.75 26.95 7.67
CA ILE C 138 10.46 25.55 7.36
C ILE C 138 11.04 25.22 6.00
N TYR C 139 11.66 24.04 5.90
CA TYR C 139 12.42 23.65 4.72
C TYR C 139 11.84 22.37 4.14
N TYR C 140 11.30 22.48 2.93
CA TYR C 140 11.04 21.34 2.04
C TYR C 140 11.09 21.87 0.62
N TYR C 141 10.68 21.06 -0.35
CA TYR C 141 10.70 21.52 -1.73
C TYR C 141 9.62 22.58 -1.92
N GLY C 142 10.03 23.77 -2.34
CA GLY C 142 9.11 24.84 -2.66
C GLY C 142 8.63 25.65 -1.49
N SER C 143 9.21 25.47 -0.31
CA SER C 143 8.78 26.20 0.88
C SER C 143 9.28 27.65 0.84
N SER C 144 8.81 28.44 1.80
CA SER C 144 9.24 29.82 1.97
C SER C 144 9.73 29.97 3.41
N PRO C 145 11.01 29.71 3.65
CA PRO C 145 11.55 29.87 5.01
C PRO C 145 11.72 31.35 5.37
N PHE C 146 11.93 31.60 6.65
CA PHE C 146 11.98 32.95 7.19
C PHE C 146 10.65 33.68 7.00
N ASP C 147 9.56 32.91 6.95
CA ASP C 147 8.26 33.45 6.57
C ASP C 147 7.67 34.38 7.62
N PHE C 148 8.26 34.49 8.80
CA PHE C 148 7.70 35.33 9.86
C PHE C 148 8.79 35.63 10.88
N TRP C 149 9.10 36.91 11.08
CA TRP C 149 10.07 37.26 12.10
C TRP C 149 9.28 37.95 13.21
N GLY C 150 9.40 37.44 14.43
CA GLY C 150 8.62 37.96 15.54
C GLY C 150 8.91 39.41 15.82
N GLN C 151 8.21 39.96 16.81
CA GLN C 151 8.34 41.37 17.15
C GLN C 151 9.77 41.70 17.59
N GLY C 152 10.36 40.86 18.43
CA GLY C 152 11.71 41.05 18.92
C GLY C 152 11.76 41.81 20.23
N THR C 153 12.95 41.78 20.85
CA THR C 153 13.19 42.52 22.08
C THR C 153 14.64 42.98 22.13
N THR C 154 14.86 44.11 22.80
CA THR C 154 16.19 44.71 22.92
C THR C 154 16.88 44.19 24.17
N LEU C 155 18.21 44.09 24.08
CA LEU C 155 19.08 43.70 25.18
C LEU C 155 20.15 44.77 25.31
N THR C 156 20.39 45.24 26.54
CA THR C 156 21.28 46.36 26.82
C THR C 156 22.34 45.92 27.83
N VAL C 157 23.59 45.81 27.37
CA VAL C 157 24.73 45.48 28.21
C VAL C 157 25.81 46.54 27.96
N SER C 158 26.18 47.28 29.00
CA SER C 158 27.08 48.42 28.89
C SER C 158 28.22 48.28 29.89
N SER C 159 29.43 48.63 29.45
CA SER C 159 30.63 48.48 30.26
C SER C 159 30.64 49.45 31.43
N SER C 174 36.15 32.57 4.18
CA SER C 174 35.56 32.39 5.50
C SER C 174 34.05 32.27 5.40
N ASP C 175 33.45 33.18 4.64
CA ASP C 175 31.99 33.30 4.53
C ASP C 175 31.65 33.73 3.10
N ILE C 176 30.40 34.13 2.90
CA ILE C 176 29.94 34.70 1.64
C ILE C 176 29.52 36.14 1.93
N VAL C 177 30.31 37.09 1.42
CA VAL C 177 30.12 38.51 1.73
C VAL C 177 29.04 39.08 0.81
N MET C 178 28.14 39.87 1.39
CA MET C 178 27.03 40.50 0.67
C MET C 178 27.32 41.99 0.56
N THR C 179 27.51 42.47 -0.67
CA THR C 179 27.71 43.89 -0.94
C THR C 179 26.36 44.50 -1.27
N GLN C 180 25.87 45.38 -0.39
CA GLN C 180 24.61 46.06 -0.58
C GLN C 180 24.74 47.11 -1.69
N ALA C 181 23.64 47.83 -1.94
CA ALA C 181 23.65 48.92 -2.91
C ALA C 181 24.21 50.20 -2.29
N THR C 182 23.55 50.72 -1.25
CA THR C 182 23.96 51.93 -0.56
C THR C 182 23.04 52.13 0.63
N SER C 183 23.56 52.75 1.69
CA SER C 183 22.82 52.84 2.95
C SER C 183 21.47 53.55 2.77
N SER C 184 21.50 54.71 2.11
CA SER C 184 20.32 55.56 1.97
C SER C 184 20.18 55.98 0.51
N VAL C 185 18.94 56.03 0.03
CA VAL C 185 18.64 56.44 -1.35
C VAL C 185 17.40 57.31 -1.33
N PRO C 186 17.47 58.56 -1.80
CA PRO C 186 16.24 59.36 -1.94
C PRO C 186 15.33 58.79 -3.02
N VAL C 187 14.03 58.75 -2.73
CA VAL C 187 13.02 58.20 -3.64
C VAL C 187 11.68 58.87 -3.33
N THR C 188 10.83 58.97 -4.36
CA THR C 188 9.47 59.48 -4.25
C THR C 188 8.49 58.48 -4.87
N PRO C 189 7.21 58.53 -4.49
CA PRO C 189 6.28 57.49 -4.95
C PRO C 189 6.04 57.57 -6.45
N GLY C 190 5.49 56.48 -6.99
CA GLY C 190 4.94 56.48 -8.32
C GLY C 190 5.78 55.78 -9.38
N GLU C 191 7.09 55.99 -9.33
CA GLU C 191 8.00 55.44 -10.33
C GLU C 191 8.50 54.07 -9.86
N SER C 192 9.53 53.55 -10.55
CA SER C 192 10.10 52.25 -10.26
C SER C 192 11.52 52.41 -9.72
N VAL C 193 11.86 51.62 -8.70
CA VAL C 193 13.17 51.64 -8.08
C VAL C 193 13.81 50.26 -8.22
N SER C 194 15.14 50.23 -8.24
CA SER C 194 15.92 49.03 -8.48
C SER C 194 17.06 48.94 -7.47
N ILE C 195 16.85 48.19 -6.41
CA ILE C 195 17.84 48.00 -5.34
C ILE C 195 18.77 46.87 -5.78
N SER C 196 20.06 47.15 -5.85
CA SER C 196 21.05 46.20 -6.34
C SER C 196 21.67 45.42 -5.19
N CYS C 197 22.35 44.33 -5.53
CA CYS C 197 23.06 43.53 -4.54
C CYS C 197 24.07 42.64 -5.24
N ARG C 198 25.22 42.44 -4.59
CA ARG C 198 26.31 41.62 -5.09
C ARG C 198 26.71 40.61 -4.02
N SER C 199 27.29 39.49 -4.47
CA SER C 199 27.72 38.42 -3.59
C SER C 199 29.18 38.05 -3.89
N SER C 200 29.92 37.70 -2.84
CA SER C 200 31.32 37.29 -3.00
C SER C 200 31.44 36.00 -3.79
N LYS C 201 30.56 35.03 -3.52
CA LYS C 201 30.52 33.75 -4.19
C LYS C 201 29.28 33.71 -5.07
N SER C 202 29.17 32.69 -5.91
CA SER C 202 27.91 32.40 -6.59
C SER C 202 26.92 31.78 -5.62
N LEU C 203 25.73 32.37 -5.51
CA LEU C 203 24.65 31.79 -4.72
C LEU C 203 23.85 30.76 -5.50
N LEU C 204 23.92 30.76 -6.82
CA LEU C 204 23.33 29.69 -7.61
C LEU C 204 24.05 28.38 -7.33
N HIS C 205 23.27 27.32 -7.13
CA HIS C 205 23.81 26.03 -6.73
C HIS C 205 23.90 25.09 -7.93
N SER C 206 24.52 23.93 -7.69
CA SER C 206 24.53 22.86 -8.69
C SER C 206 23.16 22.22 -8.83
N ASN C 207 22.31 22.35 -7.80
CA ASN C 207 20.98 21.74 -7.84
C ASN C 207 20.05 22.51 -8.77
N GLY C 208 20.12 23.84 -8.74
CA GLY C 208 19.33 24.69 -9.63
C GLY C 208 18.83 25.97 -9.00
N ASN C 209 18.74 26.00 -7.67
CA ASN C 209 18.21 27.15 -6.94
C ASN C 209 19.30 28.18 -6.72
N THR C 210 18.92 29.45 -6.80
CA THR C 210 19.79 30.56 -6.39
C THR C 210 19.31 31.06 -5.03
N TYR C 211 20.20 31.04 -4.05
CA TYR C 211 19.83 31.16 -2.64
C TYR C 211 20.08 32.58 -2.16
N LEU C 212 19.10 33.45 -2.38
CA LEU C 212 19.14 34.83 -1.91
C LEU C 212 17.74 35.22 -1.46
N TYR C 213 17.63 35.95 -0.36
CA TYR C 213 16.37 36.39 0.18
C TYR C 213 16.39 37.90 0.31
N TRP C 214 15.21 38.51 0.30
CA TRP C 214 15.04 39.94 0.49
C TRP C 214 14.07 40.20 1.63
N PHE C 215 14.39 41.18 2.47
CA PHE C 215 13.53 41.56 3.59
C PHE C 215 13.37 43.07 3.61
N LEU C 216 12.22 43.51 4.10
CA LEU C 216 11.91 44.93 4.20
C LEU C 216 11.51 45.23 5.64
N GLN C 217 12.17 46.23 6.23
CA GLN C 217 11.90 46.69 7.58
C GLN C 217 11.24 48.06 7.49
N ARG C 218 9.97 48.13 7.88
CA ARG C 218 9.33 49.42 8.11
C ARG C 218 9.81 49.98 9.46
N PRO C 219 9.79 51.29 9.63
CA PRO C 219 10.21 51.87 10.92
C PRO C 219 9.39 51.32 12.08
N GLY C 220 10.10 50.95 13.15
CA GLY C 220 9.45 50.56 14.39
C GLY C 220 8.59 49.31 14.32
N GLN C 221 9.08 48.26 13.68
CA GLN C 221 8.39 46.97 13.68
C GLN C 221 9.32 45.91 13.08
N SER C 222 8.95 44.65 13.26
CA SER C 222 9.78 43.55 12.79
C SER C 222 9.81 43.50 11.27
N PRO C 223 10.99 43.29 10.67
CA PRO C 223 11.06 43.18 9.22
C PRO C 223 10.21 42.03 8.70
N GLN C 224 10.01 42.03 7.39
CA GLN C 224 9.15 41.06 6.74
C GLN C 224 9.88 40.48 5.55
N LEU C 225 9.78 39.16 5.40
CA LEU C 225 10.24 38.51 4.18
C LEU C 225 9.43 39.04 3.01
N LEU C 226 10.10 39.27 1.88
CA LEU C 226 9.40 39.63 0.65
C LEU C 226 9.59 38.60 -0.44
N ILE C 227 10.82 38.29 -0.83
CA ILE C 227 11.13 37.33 -1.88
C ILE C 227 11.94 36.21 -1.26
N TYR C 228 11.81 35.01 -1.83
CA TYR C 228 12.62 33.87 -1.45
C TYR C 228 13.20 33.22 -2.70
N ARG C 229 14.38 32.62 -2.55
CA ARG C 229 15.20 32.13 -3.65
C ARG C 229 15.22 33.13 -4.80
N MET C 230 15.35 34.40 -4.44
CA MET C 230 15.76 35.51 -5.30
C MET C 230 14.78 35.81 -6.43
N SER C 231 13.76 34.98 -6.60
CA SER C 231 12.79 35.17 -7.69
C SER C 231 11.34 35.00 -7.26
N ASN C 232 11.05 34.33 -6.15
CA ASN C 232 9.71 33.86 -5.86
C ASN C 232 9.07 34.74 -4.81
N LEU C 233 7.94 35.33 -5.15
CA LEU C 233 7.26 36.29 -4.29
C LEU C 233 6.68 35.58 -3.05
N ALA C 234 6.51 36.34 -1.98
CA ALA C 234 6.02 35.81 -0.71
C ALA C 234 4.50 35.90 -0.61
N SER C 235 3.96 35.16 0.36
CA SER C 235 2.54 35.21 0.64
C SER C 235 2.18 36.50 1.37
N GLY C 236 1.07 37.12 0.96
CA GLY C 236 0.64 38.38 1.53
C GLY C 236 1.37 39.60 1.02
N VAL C 237 2.30 39.43 0.08
CA VAL C 237 3.13 40.52 -0.42
C VAL C 237 2.63 40.88 -1.82
N PRO C 238 2.24 42.14 -2.07
CA PRO C 238 1.67 42.49 -3.38
C PRO C 238 2.67 42.34 -4.52
N ASP C 239 2.13 42.05 -5.71
CA ASP C 239 2.93 41.91 -6.93
C ASP C 239 3.82 43.11 -7.20
N ARG C 240 3.60 44.23 -6.50
CA ARG C 240 4.40 45.44 -6.70
C ARG C 240 5.89 45.16 -6.64
N PHE C 241 6.32 44.30 -5.72
CA PHE C 241 7.72 43.91 -5.57
C PHE C 241 8.05 42.75 -6.49
N SER C 242 9.29 42.71 -6.98
CA SER C 242 9.72 41.60 -7.82
C SER C 242 11.24 41.56 -7.86
N GLY C 243 11.83 40.48 -7.34
CA GLY C 243 13.27 40.32 -7.37
C GLY C 243 13.72 39.44 -8.51
N SER C 244 14.99 39.54 -8.89
CA SER C 244 15.57 38.66 -9.92
C SER C 244 17.07 38.82 -9.91
N GLY C 245 17.74 38.19 -10.86
CA GLY C 245 19.17 38.33 -11.04
C GLY C 245 19.76 37.09 -11.70
N SER C 246 21.09 37.01 -11.64
CA SER C 246 21.86 35.84 -12.05
C SER C 246 22.97 35.65 -11.04
N GLY C 247 23.86 34.68 -11.29
CA GLY C 247 24.92 34.35 -10.36
C GLY C 247 25.71 35.56 -9.89
N THR C 248 25.81 35.75 -8.56
CA THR C 248 26.48 36.88 -7.93
C THR C 248 26.12 38.21 -8.60
N ALA C 249 24.82 38.41 -8.83
CA ALA C 249 24.28 39.70 -9.29
C ALA C 249 22.78 39.66 -9.09
N PHE C 250 22.23 40.54 -8.25
CA PHE C 250 20.83 40.39 -7.85
C PHE C 250 20.19 41.76 -7.66
N THR C 251 18.85 41.79 -7.74
CA THR C 251 18.12 43.05 -7.68
C THR C 251 16.70 42.82 -7.16
N LEU C 252 16.21 43.81 -6.42
CA LEU C 252 14.79 43.95 -6.07
C LEU C 252 14.25 45.16 -6.82
N THR C 253 13.30 44.93 -7.72
CA THR C 253 12.67 45.99 -8.49
C THR C 253 11.25 46.20 -7.97
N ILE C 254 10.93 47.43 -7.60
CA ILE C 254 9.59 47.79 -7.15
C ILE C 254 9.03 48.78 -8.15
N SER C 255 8.01 48.36 -8.89
CA SER C 255 7.21 49.28 -9.72
C SER C 255 6.15 49.94 -8.85
N ARG C 256 5.38 50.84 -9.47
CA ARG C 256 4.18 51.41 -8.85
C ARG C 256 4.40 51.71 -7.37
N LEU C 257 5.61 52.16 -7.03
CA LEU C 257 5.97 52.38 -5.64
C LEU C 257 5.04 53.41 -5.01
N GLU C 258 4.66 53.16 -3.76
CA GLU C 258 3.71 54.02 -3.07
C GLU C 258 4.05 54.02 -1.58
N ALA C 259 3.11 54.45 -0.75
CA ALA C 259 3.30 54.45 0.70
C ALA C 259 3.36 53.01 1.20
N GLU C 260 3.51 52.84 2.52
CA GLU C 260 3.64 51.53 3.13
C GLU C 260 4.75 50.71 2.45
N ASP C 261 5.75 51.42 1.92
CA ASP C 261 6.86 50.83 1.21
C ASP C 261 8.22 51.39 1.62
N VAL C 262 8.25 52.39 2.51
CA VAL C 262 9.50 53.05 2.88
C VAL C 262 10.09 52.34 4.09
N GLY C 263 11.38 52.00 4.00
CA GLY C 263 12.06 51.31 5.08
C GLY C 263 13.48 50.95 4.72
N VAL C 264 13.97 49.81 5.20
CA VAL C 264 15.30 49.31 4.88
C VAL C 264 15.14 48.00 4.14
N TYR C 265 15.94 47.80 3.10
CA TYR C 265 15.89 46.62 2.25
C TYR C 265 17.17 45.82 2.46
N TYR C 266 17.03 44.61 3.01
CA TYR C 266 18.14 43.74 3.35
C TYR C 266 18.23 42.59 2.34
N CYS C 267 19.45 42.31 1.90
CA CYS C 267 19.77 41.31 0.88
C CYS C 267 20.61 40.22 1.54
N MET C 268 19.97 39.14 2.00
CA MET C 268 20.67 38.08 2.72
C MET C 268 20.72 36.82 1.87
N GLN C 269 21.49 35.83 2.33
CA GLN C 269 21.70 34.60 1.58
C GLN C 269 21.49 33.40 2.50
N HIS C 270 21.32 32.23 1.89
CA HIS C 270 21.09 30.99 2.60
C HIS C 270 21.84 29.82 1.97
N LEU C 271 22.85 30.09 1.14
CA LEU C 271 23.55 29.01 0.43
C LEU C 271 24.23 28.06 1.41
N GLU C 272 24.70 28.59 2.54
CA GLU C 272 25.29 27.77 3.60
C GLU C 272 25.39 28.60 4.87
N TYR C 273 25.63 27.91 5.97
CA TYR C 273 25.84 28.59 7.23
C TYR C 273 27.31 29.03 7.35
N PRO C 274 27.58 30.17 8.01
CA PRO C 274 26.63 31.09 8.64
C PRO C 274 25.83 31.89 7.61
N LEU C 275 24.69 32.42 8.04
CA LEU C 275 23.86 33.26 7.19
C LEU C 275 24.35 34.69 7.27
N THR C 276 24.45 35.34 6.12
CA THR C 276 24.99 36.69 6.02
C THR C 276 23.87 37.67 5.69
N PHE C 277 24.25 38.93 5.50
CA PHE C 277 23.30 40.02 5.27
C PHE C 277 24.03 41.14 4.54
N GLY C 278 23.25 42.11 4.04
CA GLY C 278 23.78 43.40 3.67
C GLY C 278 23.41 44.41 4.73
N ALA C 279 24.05 45.59 4.63
CA ALA C 279 23.82 46.63 5.63
C ALA C 279 22.36 47.07 5.64
N GLY C 280 21.73 47.15 4.46
CA GLY C 280 20.35 47.55 4.34
C GLY C 280 20.22 48.90 3.67
N THR C 281 19.47 48.95 2.57
CA THR C 281 19.29 50.18 1.80
C THR C 281 18.06 50.90 2.35
N LYS C 282 18.27 52.08 2.93
CA LYS C 282 17.17 52.94 3.35
C LYS C 282 16.52 53.59 2.13
N LEU C 283 15.19 53.67 2.16
CA LEU C 283 14.42 54.43 1.16
C LEU C 283 13.71 55.50 1.96
N GLU C 284 13.27 56.59 1.34
CA GLU C 284 12.58 57.70 1.98
C GLU C 284 11.32 58.07 1.20
N LEU C 285 10.24 58.32 1.94
CA LEU C 285 8.98 58.86 1.40
C LEU C 285 8.73 58.58 -0.09
N ASN D 5 -44.52 -0.75 -11.24
CA ASN D 5 -43.99 -0.94 -12.60
C ASN D 5 -43.64 0.38 -13.29
N THR D 6 -43.94 1.51 -12.65
CA THR D 6 -43.72 2.81 -13.27
C THR D 6 -42.25 3.21 -13.25
N ALA D 7 -41.44 2.60 -12.36
CA ALA D 7 -40.01 2.85 -12.37
C ALA D 7 -39.39 2.45 -13.71
N SER D 8 -39.77 1.29 -14.23
CA SER D 8 -39.34 0.88 -15.57
C SER D 8 -39.91 1.82 -16.64
N ILE D 9 -41.14 2.32 -16.46
CA ILE D 9 -41.71 3.25 -17.44
C ILE D 9 -40.84 4.50 -17.55
N ALA D 10 -40.52 5.10 -16.40
CA ALA D 10 -39.67 6.29 -16.40
C ALA D 10 -38.27 5.99 -16.93
N GLN D 11 -37.69 4.88 -16.48
CA GLN D 11 -36.33 4.54 -16.91
C GLN D 11 -36.26 4.30 -18.41
N ALA D 12 -37.27 3.63 -18.98
CA ALA D 12 -37.32 3.41 -20.42
C ALA D 12 -37.51 4.72 -21.18
N ARG D 13 -38.34 5.62 -20.66
CA ARG D 13 -38.53 6.92 -21.30
C ARG D 13 -37.22 7.71 -21.33
N LYS D 14 -36.53 7.76 -20.19
CA LYS D 14 -35.27 8.51 -20.12
C LYS D 14 -34.19 7.84 -20.96
N LEU D 15 -34.13 6.51 -20.92
CA LEU D 15 -33.15 5.79 -21.72
C LEU D 15 -33.39 6.04 -23.21
N VAL D 16 -34.65 6.05 -23.65
CA VAL D 16 -34.94 6.22 -25.07
C VAL D 16 -34.68 7.65 -25.52
N GLU D 17 -34.97 8.66 -24.68
CA GLU D 17 -34.59 10.03 -25.07
C GLU D 17 -33.07 10.15 -25.16
N GLN D 18 -32.34 9.49 -24.24
CA GLN D 18 -30.88 9.49 -24.32
C GLN D 18 -30.40 8.81 -25.59
N LEU D 19 -31.03 7.69 -25.97
CA LEU D 19 -30.69 7.02 -27.22
C LEU D 19 -30.93 7.93 -28.41
N LYS D 20 -32.04 8.66 -28.40
CA LYS D 20 -32.32 9.61 -29.48
C LYS D 20 -31.23 10.67 -29.57
N MET D 21 -30.87 11.26 -28.43
CA MET D 21 -29.85 12.31 -28.42
C MET D 21 -28.51 11.80 -28.92
N GLU D 22 -28.11 10.60 -28.48
CA GLU D 22 -26.83 10.02 -28.90
C GLU D 22 -26.86 9.51 -30.34
N ALA D 23 -28.03 9.16 -30.87
CA ALA D 23 -28.13 8.71 -32.25
C ALA D 23 -28.09 9.87 -33.22
N ASN D 24 -28.76 10.98 -32.88
CA ASN D 24 -28.80 12.15 -33.75
C ASN D 24 -27.62 13.09 -33.46
N ILE D 25 -26.42 12.52 -33.61
CA ILE D 25 -25.18 13.29 -33.57
C ILE D 25 -24.45 13.06 -34.90
N ASP D 26 -23.51 13.96 -35.18
CA ASP D 26 -22.58 13.75 -36.27
C ASP D 26 -21.62 12.61 -35.91
N ARG D 27 -20.92 12.10 -36.91
CA ARG D 27 -20.00 10.99 -36.70
C ARG D 27 -19.05 10.92 -37.89
N ILE D 28 -17.75 10.82 -37.60
CA ILE D 28 -16.72 10.98 -38.61
C ILE D 28 -16.06 9.63 -38.87
N LYS D 29 -15.41 9.53 -40.03
CA LYS D 29 -14.85 8.26 -40.47
C LYS D 29 -13.61 7.88 -39.64
N VAL D 30 -13.54 6.60 -39.29
CA VAL D 30 -12.38 6.11 -38.54
C VAL D 30 -11.10 6.34 -39.34
N SER D 31 -11.19 6.44 -40.67
CA SER D 31 -10.03 6.88 -41.45
C SER D 31 -9.55 8.25 -40.98
N LYS D 32 -10.49 9.20 -40.86
CA LYS D 32 -10.15 10.54 -40.35
C LYS D 32 -9.56 10.46 -38.95
N ALA D 33 -10.24 9.75 -38.05
CA ALA D 33 -9.79 9.69 -36.66
C ALA D 33 -8.39 9.10 -36.55
N ALA D 34 -8.17 7.95 -37.21
CA ALA D 34 -6.88 7.28 -37.14
C ALA D 34 -5.78 8.13 -37.76
N ALA D 35 -6.05 8.76 -38.91
CA ALA D 35 -5.05 9.64 -39.52
C ALA D 35 -4.69 10.79 -38.59
N ASP D 36 -5.70 11.36 -37.91
CA ASP D 36 -5.44 12.47 -37.01
C ASP D 36 -4.57 12.03 -35.83
N LEU D 37 -4.91 10.90 -35.20
CA LEU D 37 -4.10 10.43 -34.07
C LEU D 37 -2.69 10.06 -34.51
N MET D 38 -2.55 9.44 -35.68
CA MET D 38 -1.23 9.10 -36.19
C MET D 38 -0.40 10.36 -36.45
N ALA D 39 -1.02 11.40 -37.02
CA ALA D 39 -0.30 12.64 -37.26
C ALA D 39 0.13 13.29 -35.94
N TYR D 40 -0.75 13.25 -34.93
CA TYR D 40 -0.38 13.78 -33.62
C TYR D 40 0.82 13.02 -33.04
N CYS D 41 0.79 11.69 -33.12
CA CYS D 41 1.88 10.90 -32.55
C CYS D 41 3.19 11.05 -33.31
N GLU D 42 3.14 11.20 -34.64
CA GLU D 42 4.37 11.43 -35.39
C GLU D 42 4.91 12.84 -35.19
N ALA D 43 4.04 13.83 -35.00
CA ALA D 43 4.51 15.19 -34.71
C ALA D 43 5.16 15.25 -33.34
N HIS D 44 4.41 15.02 -32.26
CA HIS D 44 4.93 15.20 -30.87
C HIS D 44 5.72 13.97 -30.44
N ALA D 45 6.45 13.33 -31.35
CA ALA D 45 7.19 12.06 -31.08
C ALA D 45 8.62 12.34 -30.66
N LYS D 46 9.08 13.58 -30.78
CA LYS D 46 10.44 14.00 -30.39
C LYS D 46 10.31 14.91 -29.17
N GLU D 47 9.16 14.91 -28.50
CA GLU D 47 8.88 15.88 -27.42
C GLU D 47 8.26 15.21 -26.18
N ASP D 48 8.60 13.97 -25.84
CA ASP D 48 8.15 13.34 -24.55
C ASP D 48 9.25 12.48 -23.93
N PRO D 49 9.72 12.69 -22.69
CA PRO D 49 10.71 11.81 -22.10
C PRO D 49 10.36 10.37 -21.68
N LEU D 50 9.27 9.78 -22.15
CA LEU D 50 8.96 8.36 -21.88
C LEU D 50 9.34 7.52 -23.09
N LEU D 51 8.76 7.83 -24.26
CA LEU D 51 9.16 7.17 -25.51
C LEU D 51 10.49 7.69 -26.02
N THR D 52 10.70 9.01 -25.92
CA THR D 52 11.88 9.65 -26.49
C THR D 52 12.99 9.65 -25.44
N PRO D 53 14.10 8.93 -25.67
CA PRO D 53 15.15 8.90 -24.65
C PRO D 53 15.86 10.24 -24.52
N VAL D 54 16.32 10.53 -23.31
CA VAL D 54 16.96 11.80 -22.97
C VAL D 54 18.26 11.51 -22.23
N PRO D 55 19.37 12.18 -22.55
CA PRO D 55 20.64 11.87 -21.90
C PRO D 55 20.55 12.01 -20.38
N ALA D 56 21.51 11.40 -19.69
CA ALA D 56 21.41 11.15 -18.25
C ALA D 56 21.75 12.37 -17.40
N SER D 57 21.72 13.57 -17.99
CA SER D 57 21.91 14.81 -17.24
C SER D 57 20.58 15.38 -16.76
N GLU D 58 19.61 15.47 -17.66
CA GLU D 58 18.31 16.09 -17.40
C GLU D 58 17.19 15.05 -17.37
N ASN D 59 17.50 13.85 -16.92
CA ASN D 59 16.50 12.86 -16.56
C ASN D 59 16.59 12.83 -15.04
N PRO D 60 16.11 13.87 -14.37
CA PRO D 60 16.65 14.22 -13.06
C PRO D 60 16.28 13.23 -11.97
N PHE D 61 15.73 12.08 -12.34
CA PHE D 61 15.61 10.96 -11.42
C PHE D 61 16.90 10.13 -11.36
N ARG D 62 17.70 10.18 -12.43
CA ARG D 62 18.98 9.46 -12.48
C ARG D 62 19.90 9.91 -11.34
N GLU D 63 20.93 9.10 -11.09
CA GLU D 63 21.99 9.44 -10.13
C GLU D 63 23.11 8.38 -10.15
N GLN E 23 -22.10 -4.68 -27.17
CA GLN E 23 -22.92 -4.70 -25.92
C GLN E 23 -22.99 -6.12 -25.37
N VAL E 24 -22.96 -6.22 -24.04
CA VAL E 24 -23.11 -7.50 -23.36
C VAL E 24 -24.61 -7.75 -23.20
N GLN E 25 -25.21 -8.36 -24.20
CA GLN E 25 -26.65 -8.61 -24.25
C GLN E 25 -26.91 -10.10 -24.12
N LEU E 26 -27.92 -10.43 -23.31
CA LEU E 26 -28.38 -11.80 -23.09
C LEU E 26 -29.87 -11.84 -23.35
N GLN E 27 -30.25 -12.38 -24.52
CA GLN E 27 -31.64 -12.70 -24.81
C GLN E 27 -31.99 -14.03 -24.15
N GLU E 28 -33.23 -14.09 -23.63
CA GLU E 28 -33.78 -15.35 -23.09
C GLU E 28 -35.07 -15.63 -23.87
N SER E 29 -35.52 -16.88 -23.92
CA SER E 29 -36.75 -17.29 -24.60
C SER E 29 -37.34 -18.49 -23.86
N GLY E 30 -38.62 -18.71 -24.10
CA GLY E 30 -39.41 -19.73 -23.43
C GLY E 30 -40.05 -19.20 -22.18
N GLY E 31 -41.25 -19.72 -21.87
CA GLY E 31 -41.98 -19.31 -20.69
C GLY E 31 -43.42 -18.97 -20.94
N GLY E 32 -44.30 -19.33 -20.01
CA GLY E 32 -45.71 -19.05 -20.13
C GLY E 32 -46.49 -19.74 -19.04
N LEU E 33 -47.82 -19.76 -19.20
CA LEU E 33 -48.69 -20.49 -18.28
C LEU E 33 -48.63 -21.98 -18.62
N VAL E 34 -48.20 -22.79 -17.66
CA VAL E 34 -48.13 -24.23 -17.80
C VAL E 34 -48.76 -24.85 -16.56
N GLN E 35 -49.26 -26.08 -16.71
CA GLN E 35 -49.87 -26.79 -15.60
C GLN E 35 -48.79 -27.46 -14.74
N PRO E 36 -49.07 -27.72 -13.47
CA PRO E 36 -48.04 -28.31 -12.59
C PRO E 36 -47.63 -29.69 -13.10
N GLY E 37 -46.36 -30.02 -12.88
CA GLY E 37 -45.80 -31.26 -13.33
C GLY E 37 -45.40 -31.31 -14.78
N GLY E 38 -45.63 -30.24 -15.53
CA GLY E 38 -45.34 -30.22 -16.95
C GLY E 38 -43.86 -30.18 -17.24
N SER E 39 -43.49 -29.60 -18.38
CA SER E 39 -42.10 -29.47 -18.80
C SER E 39 -41.94 -28.12 -19.48
N LEU E 40 -40.67 -27.69 -19.57
CA LEU E 40 -40.36 -26.42 -20.25
C LEU E 40 -38.85 -26.33 -20.40
N ARG E 41 -38.41 -25.69 -21.47
CA ARG E 41 -36.98 -25.56 -21.78
C ARG E 41 -36.72 -24.09 -22.09
N LEU E 42 -36.41 -23.30 -21.07
CA LEU E 42 -36.09 -21.89 -21.30
C LEU E 42 -34.60 -21.76 -21.62
N SER E 43 -34.29 -20.80 -22.48
CA SER E 43 -33.00 -20.78 -23.18
C SER E 43 -32.48 -19.35 -23.28
N CYS E 44 -31.21 -19.24 -23.66
CA CYS E 44 -30.46 -17.99 -23.56
C CYS E 44 -29.46 -17.91 -24.70
N ALA E 45 -29.58 -16.88 -25.52
CA ALA E 45 -28.62 -16.54 -26.56
C ALA E 45 -27.88 -15.29 -26.14
N ALA E 46 -26.56 -15.38 -26.06
CA ALA E 46 -25.73 -14.35 -25.45
C ALA E 46 -24.73 -13.84 -26.48
N SER E 47 -24.76 -12.54 -26.75
CA SER E 47 -23.76 -11.88 -27.57
C SER E 47 -23.12 -10.78 -26.74
N GLY E 48 -21.88 -10.44 -27.09
CA GLY E 48 -21.14 -9.43 -26.36
C GLY E 48 -20.09 -9.97 -25.43
N PHE E 49 -19.57 -11.17 -25.68
CA PHE E 49 -18.42 -11.68 -24.95
C PHE E 49 -18.08 -13.05 -25.52
N THR E 50 -16.92 -13.56 -25.13
CA THR E 50 -16.53 -14.94 -25.45
C THR E 50 -17.22 -15.84 -24.44
N PHE E 51 -18.32 -16.48 -24.87
CA PHE E 51 -19.20 -17.18 -23.95
C PHE E 51 -18.44 -18.24 -23.16
N SER E 52 -17.35 -18.75 -23.71
CA SER E 52 -16.58 -19.79 -23.04
C SER E 52 -16.04 -19.31 -21.70
N ASN E 53 -15.52 -18.07 -21.65
CA ASN E 53 -14.64 -17.67 -20.56
C ASN E 53 -15.37 -17.48 -19.23
N TYR E 54 -16.69 -17.28 -19.25
CA TYR E 54 -17.46 -17.07 -18.03
C TYR E 54 -18.22 -18.31 -17.63
N LYS E 55 -18.61 -18.35 -16.36
CA LYS E 55 -19.55 -19.33 -15.85
C LYS E 55 -20.90 -18.65 -15.74
N MET E 56 -21.92 -19.24 -16.36
CA MET E 56 -23.21 -18.61 -16.49
C MET E 56 -24.06 -18.90 -15.26
N ASN E 57 -25.29 -18.39 -15.28
CA ASN E 57 -26.17 -18.52 -14.13
C ASN E 57 -27.61 -18.36 -14.60
N TRP E 58 -28.52 -18.91 -13.81
CA TRP E 58 -29.94 -18.60 -13.93
C TRP E 58 -30.37 -18.02 -12.59
N VAL E 59 -31.06 -16.89 -12.64
CA VAL E 59 -31.58 -16.24 -11.45
C VAL E 59 -33.08 -16.09 -11.68
N ARG E 60 -33.81 -15.90 -10.59
CA ARG E 60 -35.26 -15.76 -10.72
C ARG E 60 -35.77 -14.77 -9.69
N GLN E 61 -36.92 -14.18 -10.01
CA GLN E 61 -37.66 -13.35 -9.08
C GLN E 61 -39.11 -13.81 -9.08
N ALA E 62 -39.57 -14.32 -7.95
CA ALA E 62 -40.94 -14.79 -7.78
C ALA E 62 -41.81 -13.64 -7.26
N PRO E 63 -43.02 -13.43 -7.78
CA PRO E 63 -43.77 -12.21 -7.45
C PRO E 63 -43.96 -12.04 -5.95
N GLY E 64 -43.78 -10.81 -5.47
CA GLY E 64 -43.79 -10.50 -4.06
C GLY E 64 -42.50 -10.79 -3.32
N LYS E 65 -41.49 -11.34 -4.00
CA LYS E 65 -40.23 -11.74 -3.40
C LYS E 65 -39.08 -10.97 -4.04
N GLY E 66 -37.89 -11.13 -3.49
CA GLY E 66 -36.69 -10.56 -4.05
C GLY E 66 -36.21 -11.40 -5.21
N LEU E 67 -34.91 -11.68 -5.28
CA LEU E 67 -34.38 -12.64 -6.24
C LEU E 67 -33.80 -13.84 -5.51
N GLU E 68 -33.36 -14.80 -6.32
CA GLU E 68 -32.55 -15.90 -5.83
C GLU E 68 -31.88 -16.60 -7.01
N TRP E 69 -30.75 -17.23 -6.72
CA TRP E 69 -29.96 -17.94 -7.73
C TRP E 69 -30.44 -19.38 -7.79
N VAL E 70 -30.52 -19.93 -9.01
CA VAL E 70 -31.08 -21.25 -9.25
C VAL E 70 -29.99 -22.23 -9.67
N SER E 71 -29.13 -21.85 -10.59
CA SER E 71 -28.19 -22.79 -11.19
C SER E 71 -26.85 -22.12 -11.45
N ASP E 72 -25.86 -22.96 -11.78
CA ASP E 72 -24.52 -22.55 -12.19
C ASP E 72 -23.95 -23.59 -13.12
N ILE E 73 -23.16 -23.13 -14.08
CA ILE E 73 -22.45 -24.00 -15.02
C ILE E 73 -21.15 -23.28 -15.41
N SER E 74 -20.03 -24.00 -15.31
CA SER E 74 -18.71 -23.37 -15.39
C SER E 74 -18.32 -23.11 -16.84
N GLN E 75 -17.05 -22.76 -17.06
CA GLN E 75 -16.56 -22.47 -18.42
C GLN E 75 -16.75 -23.69 -19.32
N SER E 76 -16.24 -24.85 -18.89
CA SER E 76 -16.45 -26.10 -19.62
C SER E 76 -17.80 -26.72 -19.35
N GLY E 77 -18.51 -26.29 -18.30
CA GLY E 77 -19.72 -26.92 -17.86
C GLY E 77 -19.53 -28.17 -17.04
N ALA E 78 -18.28 -28.54 -16.74
CA ALA E 78 -18.02 -29.70 -15.90
C ALA E 78 -18.60 -29.50 -14.50
N SER E 79 -18.09 -28.50 -13.78
CA SER E 79 -18.61 -28.17 -12.46
C SER E 79 -19.95 -27.44 -12.62
N ILE E 80 -20.97 -27.96 -11.95
CA ILE E 80 -22.34 -27.47 -12.06
C ILE E 80 -22.90 -27.35 -10.66
N SER E 81 -23.99 -26.60 -10.52
CA SER E 81 -24.62 -26.49 -9.21
C SER E 81 -26.06 -26.04 -9.36
N TYR E 82 -26.85 -26.32 -8.32
CA TYR E 82 -28.26 -25.96 -8.27
C TYR E 82 -28.60 -25.48 -6.87
N THR E 83 -29.72 -24.77 -6.76
CA THR E 83 -30.33 -24.58 -5.45
C THR E 83 -30.94 -25.91 -5.00
N GLY E 84 -31.11 -26.05 -3.69
CA GLY E 84 -31.59 -27.32 -3.14
C GLY E 84 -32.93 -27.74 -3.72
N SER E 85 -33.86 -26.80 -3.85
CA SER E 85 -35.24 -27.10 -4.22
C SER E 85 -35.42 -27.34 -5.72
N VAL E 86 -34.35 -27.47 -6.51
CA VAL E 86 -34.47 -27.76 -7.94
C VAL E 86 -33.52 -28.85 -8.40
N LYS E 87 -32.64 -29.37 -7.55
CA LYS E 87 -31.63 -30.31 -8.00
C LYS E 87 -32.27 -31.63 -8.42
N GLY E 88 -31.78 -32.19 -9.51
CA GLY E 88 -32.40 -33.37 -10.10
C GLY E 88 -33.60 -33.01 -10.94
N ARG E 89 -34.42 -32.09 -10.43
CA ARG E 89 -35.60 -31.63 -11.18
C ARG E 89 -35.18 -30.80 -12.38
N PHE E 90 -34.51 -29.67 -12.16
CA PHE E 90 -34.07 -28.80 -13.24
C PHE E 90 -32.66 -29.19 -13.65
N THR E 91 -32.29 -28.86 -14.89
CA THR E 91 -30.94 -29.11 -15.38
C THR E 91 -30.45 -27.93 -16.20
N ILE E 92 -29.16 -27.62 -16.06
CA ILE E 92 -28.52 -26.50 -16.74
C ILE E 92 -27.45 -27.03 -17.69
N SER E 93 -27.47 -26.56 -18.92
CA SER E 93 -26.47 -26.95 -19.90
C SER E 93 -26.06 -25.71 -20.70
N ARG E 94 -24.90 -25.80 -21.35
CA ARG E 94 -24.41 -24.69 -22.15
C ARG E 94 -23.69 -25.21 -23.37
N ASP E 95 -24.08 -24.70 -24.54
CA ASP E 95 -23.42 -24.98 -25.80
C ASP E 95 -22.54 -23.77 -26.09
N ASN E 96 -21.26 -23.86 -25.69
CA ASN E 96 -20.31 -22.79 -25.96
C ASN E 96 -20.06 -22.62 -27.45
N ALA E 97 -20.11 -23.72 -28.22
CA ALA E 97 -19.94 -23.62 -29.66
C ALA E 97 -21.04 -22.78 -30.30
N LYS E 98 -22.28 -22.95 -29.84
CA LYS E 98 -23.41 -22.13 -30.29
C LYS E 98 -23.61 -20.88 -29.45
N ASN E 99 -22.85 -20.70 -28.37
CA ASN E 99 -22.95 -19.54 -27.48
C ASN E 99 -24.37 -19.43 -26.90
N THR E 100 -24.76 -20.45 -26.13
CA THR E 100 -26.12 -20.48 -25.59
C THR E 100 -26.16 -21.26 -24.29
N LEU E 101 -27.14 -20.90 -23.45
CA LEU E 101 -27.35 -21.51 -22.13
C LEU E 101 -28.79 -21.98 -22.02
N TYR E 102 -28.99 -23.25 -21.71
CA TYR E 102 -30.31 -23.86 -21.60
C TYR E 102 -30.60 -24.26 -20.17
N LEU E 103 -31.86 -24.13 -19.78
CA LEU E 103 -32.38 -24.63 -18.51
C LEU E 103 -33.62 -25.46 -18.82
N GLN E 104 -33.52 -26.77 -18.61
CA GLN E 104 -34.64 -27.69 -18.75
C GLN E 104 -35.32 -27.83 -17.39
N MET E 105 -36.51 -27.24 -17.26
CA MET E 105 -37.36 -27.34 -16.08
C MET E 105 -38.33 -28.49 -16.29
N ASN E 106 -38.46 -29.37 -15.30
CA ASN E 106 -39.38 -30.50 -15.35
C ASN E 106 -40.08 -30.64 -14.01
N SER E 107 -41.23 -31.31 -14.04
CA SER E 107 -42.07 -31.54 -12.87
C SER E 107 -42.21 -30.26 -12.03
N LEU E 108 -42.68 -29.21 -12.69
CA LEU E 108 -42.74 -27.88 -12.10
C LEU E 108 -43.76 -27.85 -10.95
N LYS E 109 -43.86 -26.69 -10.32
CA LYS E 109 -44.67 -26.51 -9.12
C LYS E 109 -45.34 -25.15 -9.15
N PRO E 110 -46.45 -24.97 -8.42
CA PRO E 110 -47.09 -23.65 -8.36
C PRO E 110 -46.18 -22.55 -7.87
N GLU E 111 -45.21 -22.87 -7.02
CA GLU E 111 -44.27 -21.89 -6.48
C GLU E 111 -43.11 -21.58 -7.42
N ASP E 112 -43.04 -22.22 -8.58
CA ASP E 112 -41.99 -21.95 -9.56
C ASP E 112 -42.36 -20.85 -10.54
N THR E 113 -43.51 -20.21 -10.36
CA THR E 113 -43.88 -19.07 -11.20
C THR E 113 -43.01 -17.88 -10.83
N ALA E 114 -42.25 -17.37 -11.79
CA ALA E 114 -41.30 -16.29 -11.55
C ALA E 114 -40.72 -15.84 -12.88
N VAL E 115 -40.02 -14.71 -12.85
CA VAL E 115 -39.26 -14.22 -13.99
C VAL E 115 -37.87 -14.85 -13.92
N TYR E 116 -37.40 -15.40 -15.04
CA TYR E 116 -36.13 -16.12 -15.10
C TYR E 116 -35.16 -15.33 -15.97
N TYR E 117 -34.00 -14.99 -15.39
CA TYR E 117 -32.97 -14.19 -16.04
C TYR E 117 -31.72 -15.03 -16.25
N CYS E 118 -31.22 -15.02 -17.49
CA CYS E 118 -29.90 -15.56 -17.80
C CYS E 118 -28.84 -14.55 -17.42
N ALA E 119 -27.94 -14.93 -16.51
CA ALA E 119 -26.89 -14.04 -16.02
C ALA E 119 -25.53 -14.63 -16.36
N ARG E 120 -24.51 -13.78 -16.35
CA ARG E 120 -23.14 -14.22 -16.47
C ARG E 120 -22.32 -13.55 -15.38
N CYS E 121 -21.33 -14.28 -14.86
CA CYS E 121 -20.54 -13.78 -13.75
C CYS E 121 -19.66 -12.61 -14.20
N PRO E 122 -19.35 -11.69 -13.29
CA PRO E 122 -18.77 -10.41 -13.72
C PRO E 122 -17.52 -10.53 -14.57
N ALA E 123 -16.58 -11.41 -14.23
CA ALA E 123 -15.28 -11.41 -14.86
C ALA E 123 -14.89 -12.81 -15.32
N PRO E 124 -14.00 -12.92 -16.31
CA PRO E 124 -13.67 -14.22 -16.90
C PRO E 124 -12.53 -14.92 -16.18
N PHE E 125 -12.39 -16.21 -16.49
CA PHE E 125 -11.28 -17.05 -16.01
C PHE E 125 -11.28 -17.19 -14.50
N THR E 126 -12.41 -16.94 -13.84
CA THR E 126 -12.49 -16.96 -12.38
C THR E 126 -13.48 -18.01 -11.87
N ARG E 127 -13.42 -18.41 -10.60
CA ARG E 127 -14.43 -19.33 -9.99
C ARG E 127 -15.30 -18.46 -9.08
N ASP E 128 -15.28 -17.14 -9.28
CA ASP E 128 -15.96 -16.14 -8.42
C ASP E 128 -17.23 -15.62 -9.06
N CYS E 129 -18.31 -15.31 -8.32
CA CYS E 129 -19.49 -14.70 -8.92
C CYS E 129 -20.21 -13.81 -7.92
N PHE E 130 -20.63 -12.62 -8.38
CA PHE E 130 -21.50 -11.69 -7.64
C PHE E 130 -22.60 -11.22 -8.62
N ASP E 131 -23.71 -11.96 -8.69
CA ASP E 131 -24.75 -11.70 -9.70
C ASP E 131 -26.07 -11.20 -9.11
N VAL E 132 -26.67 -11.98 -8.20
CA VAL E 132 -27.94 -11.58 -7.59
C VAL E 132 -27.75 -10.28 -6.83
N THR E 133 -28.76 -9.42 -6.86
CA THR E 133 -28.69 -8.09 -6.24
C THR E 133 -30.08 -7.70 -5.77
N SER E 134 -30.26 -6.42 -5.43
CA SER E 134 -31.58 -5.83 -5.21
C SER E 134 -32.15 -5.35 -6.55
N THR E 135 -32.18 -6.27 -7.51
CA THR E 135 -32.56 -5.99 -8.89
C THR E 135 -31.71 -4.87 -9.47
N THR E 136 -30.40 -4.89 -9.13
CA THR E 136 -29.44 -3.90 -9.65
C THR E 136 -28.19 -4.66 -10.07
N TYR E 137 -28.16 -5.10 -11.33
CA TYR E 137 -27.00 -5.81 -11.86
C TYR E 137 -26.99 -5.63 -13.38
N ALA E 138 -25.79 -5.76 -13.97
CA ALA E 138 -25.53 -5.24 -15.30
C ALA E 138 -25.44 -6.29 -16.39
N TYR E 139 -25.09 -7.54 -16.07
CA TYR E 139 -24.78 -8.56 -17.06
C TYR E 139 -25.84 -9.66 -17.13
N ARG E 140 -27.09 -9.34 -16.79
CA ARG E 140 -28.20 -10.28 -16.95
C ARG E 140 -29.15 -9.78 -18.03
N GLY E 141 -29.78 -10.72 -18.73
CA GLY E 141 -30.79 -10.42 -19.70
C GLY E 141 -32.01 -9.76 -19.07
N GLN E 142 -33.05 -9.61 -19.89
CA GLN E 142 -34.27 -8.91 -19.47
C GLN E 142 -35.22 -9.78 -18.68
N GLY E 143 -35.33 -11.06 -19.01
CA GLY E 143 -36.07 -12.03 -18.20
C GLY E 143 -37.32 -12.53 -18.90
N THR E 144 -37.56 -13.85 -18.85
CA THR E 144 -38.76 -14.46 -19.41
C THR E 144 -39.66 -14.89 -18.26
N GLN E 145 -40.95 -14.53 -18.34
CA GLN E 145 -41.92 -14.99 -17.36
C GLN E 145 -42.13 -16.49 -17.52
N VAL E 146 -42.35 -17.17 -16.40
CA VAL E 146 -42.73 -18.57 -16.40
C VAL E 146 -43.78 -18.72 -15.30
N THR E 147 -45.00 -19.10 -15.67
CA THR E 147 -46.09 -19.29 -14.73
C THR E 147 -46.47 -20.76 -14.72
N VAL E 148 -46.81 -21.28 -13.54
CA VAL E 148 -47.17 -22.68 -13.33
C VAL E 148 -48.47 -22.67 -12.54
N SER E 149 -49.60 -22.77 -13.23
CA SER E 149 -50.92 -22.67 -12.60
C SER E 149 -51.96 -23.25 -13.55
N SER E 150 -53.22 -23.22 -13.11
CA SER E 150 -54.36 -23.74 -13.88
C SER E 150 -55.21 -22.60 -14.43
N GLU F 162 43.17 -44.43 14.64
CA GLU F 162 43.83 -44.84 13.41
C GLU F 162 43.02 -44.41 12.17
N GLN F 163 41.70 -44.51 12.26
CA GLN F 163 40.83 -44.39 11.08
C GLN F 163 40.04 -43.09 11.03
N LEU F 164 39.56 -42.56 12.17
CA LEU F 164 38.71 -41.37 12.13
C LEU F 164 39.47 -40.18 11.52
N LEU F 165 40.81 -40.20 11.57
CA LEU F 165 41.61 -39.21 10.87
C LEU F 165 41.25 -39.16 9.40
N PHE F 166 40.98 -40.33 8.80
CA PHE F 166 40.52 -40.38 7.41
C PHE F 166 39.20 -39.64 7.25
N LEU F 167 38.26 -39.79 8.20
CA LEU F 167 37.02 -39.01 8.15
C LEU F 167 37.31 -37.52 8.19
N TYR F 168 38.19 -37.09 9.10
CA TYR F 168 38.49 -35.66 9.19
C TYR F 168 39.03 -35.13 7.86
N ILE F 169 40.03 -35.82 7.29
CA ILE F 169 40.68 -35.34 6.07
C ILE F 169 39.82 -35.53 4.83
N ILE F 170 38.80 -36.39 4.87
CA ILE F 170 37.85 -36.51 3.76
C ILE F 170 36.78 -35.42 3.85
N TYR F 171 36.29 -35.09 5.04
CA TYR F 171 35.23 -34.11 5.21
C TYR F 171 35.75 -32.69 5.40
N THR F 172 37.06 -32.46 5.38
CA THR F 172 37.57 -31.09 5.44
C THR F 172 36.98 -30.23 4.32
N VAL F 173 37.12 -30.68 3.08
CA VAL F 173 36.62 -29.92 1.93
C VAL F 173 35.10 -29.89 1.93
N GLY F 174 34.47 -31.00 2.32
CA GLY F 174 33.02 -31.03 2.42
C GLY F 174 32.47 -30.01 3.41
N TYR F 175 33.16 -29.86 4.55
CA TYR F 175 32.72 -28.92 5.57
C TYR F 175 33.03 -27.49 5.15
N ALA F 176 34.13 -27.27 4.44
CA ALA F 176 34.42 -25.95 3.89
C ALA F 176 33.36 -25.56 2.87
N LEU F 177 32.98 -26.48 1.98
CA LEU F 177 31.91 -26.22 1.02
C LEU F 177 30.55 -26.12 1.68
N SER F 178 30.36 -26.76 2.84
CA SER F 178 29.15 -26.53 3.64
C SER F 178 29.11 -25.10 4.17
N PHE F 179 30.21 -24.67 4.78
CA PHE F 179 30.39 -23.26 5.16
C PHE F 179 30.11 -22.34 3.97
N SER F 180 30.59 -22.73 2.78
CA SER F 180 30.36 -21.95 1.57
C SER F 180 28.88 -21.89 1.22
N ALA F 181 28.18 -23.04 1.26
CA ALA F 181 26.74 -23.06 0.98
C ALA F 181 25.98 -22.24 2.00
N LEU F 182 26.43 -22.25 3.25
CA LEU F 182 25.77 -21.50 4.31
C LEU F 182 25.92 -19.99 4.11
N VAL F 183 27.14 -19.54 3.78
CA VAL F 183 27.32 -18.11 3.49
C VAL F 183 26.58 -17.74 2.20
N ILE F 184 26.51 -18.66 1.23
CA ILE F 184 25.74 -18.44 0.01
C ILE F 184 24.28 -18.21 0.35
N ALA F 185 23.72 -19.03 1.25
CA ALA F 185 22.33 -18.87 1.66
C ALA F 185 22.12 -17.59 2.44
N SER F 186 23.11 -17.19 3.25
CA SER F 186 23.04 -15.88 3.92
C SER F 186 22.98 -14.77 2.88
N ALA F 187 23.80 -14.87 1.83
CA ALA F 187 23.80 -13.87 0.76
C ALA F 187 22.45 -13.82 0.04
N ILE F 188 21.84 -14.98 -0.21
CA ILE F 188 20.54 -15.01 -0.87
C ILE F 188 19.47 -14.39 0.01
N LEU F 189 19.47 -14.70 1.31
CA LEU F 189 18.50 -14.05 2.21
C LEU F 189 18.85 -12.60 2.49
N LEU F 190 20.04 -12.13 2.09
CA LEU F 190 20.48 -10.78 2.30
C LEU F 190 20.13 -9.85 1.15
N GLY F 191 20.45 -10.25 -0.08
CA GLY F 191 20.44 -9.32 -1.20
C GLY F 191 19.07 -8.88 -1.67
N PHE F 192 18.08 -9.79 -1.67
CA PHE F 192 16.86 -9.55 -2.44
C PHE F 192 16.08 -8.31 -2.00
N ARG F 193 16.29 -7.82 -0.78
CA ARG F 193 15.55 -6.67 -0.23
C ARG F 193 14.08 -7.00 -0.02
N HIS F 194 13.63 -8.18 -0.45
CA HIS F 194 12.25 -8.61 -0.32
C HIS F 194 12.07 -9.74 0.66
N LEU F 195 13.03 -10.66 0.75
CA LEU F 195 13.04 -11.64 1.82
C LEU F 195 13.42 -11.04 3.15
N HIS F 196 13.88 -9.79 3.16
CA HIS F 196 14.11 -9.08 4.42
C HIS F 196 12.84 -9.01 5.24
N CYS F 197 12.95 -9.38 6.51
CA CYS F 197 11.92 -9.17 7.52
C CYS F 197 12.50 -9.63 8.84
N THR F 198 12.05 -9.08 9.96
CA THR F 198 12.77 -9.32 11.21
C THR F 198 12.81 -10.81 11.55
N ARG F 199 11.90 -11.61 10.97
CA ARG F 199 12.02 -13.06 11.05
C ARG F 199 13.27 -13.57 10.36
N ASN F 200 13.77 -12.81 9.38
CA ASN F 200 14.92 -13.26 8.62
C ASN F 200 16.23 -12.68 9.13
N TYR F 201 16.18 -11.52 9.81
CA TYR F 201 17.39 -11.00 10.46
C TYR F 201 17.81 -11.88 11.64
N ILE F 202 16.84 -12.52 12.31
CA ILE F 202 17.17 -13.54 13.30
C ILE F 202 17.88 -14.71 12.63
N HIS F 203 17.39 -15.12 11.45
CA HIS F 203 18.07 -16.15 10.67
C HIS F 203 19.41 -15.66 10.15
N LEU F 204 19.44 -14.47 9.53
CA LEU F 204 20.60 -14.10 8.71
C LEU F 204 21.85 -13.89 9.56
N ASN F 205 21.69 -13.44 10.82
CA ASN F 205 22.83 -13.40 11.73
C ASN F 205 23.21 -14.80 12.20
N LEU F 206 22.21 -15.62 12.57
CA LEU F 206 22.49 -16.97 13.07
C LEU F 206 23.40 -17.71 12.12
N PHE F 207 23.18 -17.57 10.81
CA PHE F 207 24.06 -18.18 9.83
C PHE F 207 25.49 -17.67 9.99
N ALA F 208 25.67 -16.40 10.32
CA ALA F 208 27.00 -15.88 10.63
C ALA F 208 27.60 -16.57 11.84
N SER F 209 26.80 -16.84 12.88
CA SER F 209 27.32 -17.53 14.06
C SER F 209 27.86 -18.90 13.70
N PHE F 210 27.34 -19.52 12.64
CA PHE F 210 28.01 -20.67 12.03
C PHE F 210 29.28 -20.21 11.31
N ILE F 211 29.17 -19.17 10.49
CA ILE F 211 30.32 -18.64 9.75
C ILE F 211 31.46 -18.29 10.70
N LEU F 212 31.15 -18.02 11.96
CA LEU F 212 32.18 -17.81 12.98
C LEU F 212 32.83 -19.13 13.38
N ARG F 213 32.09 -20.23 13.33
CA ARG F 213 32.61 -21.53 13.75
C ARG F 213 33.42 -22.21 12.65
N ALA F 214 32.77 -22.55 11.53
CA ALA F 214 33.44 -23.34 10.49
C ALA F 214 34.71 -22.67 9.99
N LEU F 215 34.79 -21.34 10.11
CA LEU F 215 36.08 -20.65 10.06
C LEU F 215 37.06 -21.26 11.04
N SER F 216 36.64 -21.46 12.29
CA SER F 216 37.53 -22.00 13.32
C SER F 216 38.02 -23.38 12.94
N VAL F 217 37.12 -24.37 12.90
CA VAL F 217 37.54 -25.76 12.73
C VAL F 217 38.18 -25.96 11.37
N PHE F 218 37.95 -25.04 10.42
CA PHE F 218 38.64 -25.11 9.14
C PHE F 218 39.95 -24.33 9.17
N ILE F 219 39.92 -23.08 9.65
CA ILE F 219 41.10 -22.22 9.64
C ILE F 219 41.88 -22.28 10.97
N LYS F 220 41.31 -22.89 12.02
CA LYS F 220 42.13 -23.29 13.16
C LYS F 220 42.98 -24.53 12.83
N ASP F 221 42.55 -25.33 11.85
CA ASP F 221 43.29 -26.56 11.49
C ASP F 221 44.76 -26.27 11.28
N ALA F 222 45.08 -25.15 10.63
CA ALA F 222 46.47 -24.72 10.43
C ALA F 222 47.16 -24.34 11.73
N ALA F 223 46.42 -24.15 12.82
CA ALA F 223 47.04 -23.92 14.13
C ALA F 223 47.71 -25.18 14.67
N LEU F 224 47.22 -26.35 14.27
CA LEU F 224 47.79 -27.64 14.64
C LEU F 224 48.56 -28.30 13.50
N LYS F 225 48.42 -27.80 12.27
CA LYS F 225 49.13 -28.33 11.10
C LYS F 225 50.18 -27.35 10.61
N TRP F 226 49.79 -26.12 10.23
CA TRP F 226 50.72 -25.21 9.57
C TRP F 226 51.84 -24.75 10.51
N MET F 227 51.49 -24.32 11.72
CA MET F 227 52.50 -23.91 12.69
C MET F 227 53.29 -25.09 13.26
N TYR F 228 52.65 -26.25 13.36
CA TYR F 228 53.33 -27.51 13.67
C TYR F 228 53.93 -28.19 12.45
N SER F 229 53.67 -27.68 11.24
CA SER F 229 54.49 -28.04 10.08
C SER F 229 55.85 -27.36 10.15
N THR F 230 55.90 -26.14 10.69
CA THR F 230 57.14 -25.36 10.83
C THR F 230 57.41 -25.08 12.30
N SER F 242 57.24 -22.66 20.16
CA SER F 242 57.21 -22.49 21.60
C SER F 242 56.96 -21.03 21.97
N TYR F 243 57.63 -20.11 21.25
CA TYR F 243 57.34 -18.69 21.40
C TYR F 243 55.89 -18.36 21.05
N GLN F 244 55.31 -19.12 20.12
CA GLN F 244 53.92 -19.00 19.72
C GLN F 244 52.94 -19.15 20.88
N ASP F 245 53.42 -19.60 22.04
CA ASP F 245 52.60 -19.66 23.25
C ASP F 245 52.34 -18.27 23.85
N SER F 246 52.65 -17.20 23.11
CA SER F 246 52.25 -15.85 23.44
C SER F 246 50.74 -15.72 23.16
N LEU F 247 50.21 -14.50 23.23
CA LEU F 247 48.77 -14.30 23.00
C LEU F 247 48.34 -14.87 21.65
N SER F 248 49.19 -14.79 20.63
CA SER F 248 48.81 -15.20 19.27
C SER F 248 48.25 -16.62 19.21
N CYS F 249 48.40 -17.42 20.28
CA CYS F 249 47.76 -18.73 20.36
C CYS F 249 46.44 -18.67 21.14
N ARG F 250 46.50 -18.26 22.41
CA ARG F 250 45.32 -18.32 23.27
C ARG F 250 44.23 -17.34 22.85
N LEU F 251 44.59 -16.28 22.10
CA LEU F 251 43.58 -15.37 21.56
C LEU F 251 42.78 -16.05 20.46
N VAL F 252 43.44 -16.79 19.57
CA VAL F 252 42.72 -17.57 18.57
C VAL F 252 41.94 -18.70 19.24
N PHE F 253 42.49 -19.27 20.31
CA PHE F 253 41.75 -20.29 21.06
C PHE F 253 40.47 -19.69 21.64
N LEU F 254 40.54 -18.48 22.18
CA LEU F 254 39.34 -17.80 22.67
C LEU F 254 38.40 -17.44 21.52
N LEU F 255 38.95 -17.07 20.35
CA LEU F 255 38.09 -16.86 19.18
C LEU F 255 37.24 -18.08 18.89
N MET F 256 37.87 -19.26 18.84
CA MET F 256 37.10 -20.49 18.60
C MET F 256 36.13 -20.77 19.75
N GLN F 257 36.63 -20.71 20.99
CA GLN F 257 35.83 -21.11 22.15
C GLN F 257 34.73 -20.09 22.43
N TYR F 258 34.77 -18.93 21.77
CA TYR F 258 33.70 -17.94 21.81
C TYR F 258 32.71 -18.09 20.66
N CYS F 259 33.19 -18.29 19.44
CA CYS F 259 32.28 -18.56 18.33
C CYS F 259 31.43 -19.79 18.61
N VAL F 260 31.94 -20.72 19.42
CA VAL F 260 31.14 -21.88 19.80
C VAL F 260 29.89 -21.42 20.57
N ALA F 261 30.07 -20.61 21.62
CA ALA F 261 28.91 -20.09 22.34
C ALA F 261 28.09 -19.13 21.49
N ALA F 262 28.70 -18.47 20.51
CA ALA F 262 27.94 -17.64 19.58
C ALA F 262 26.95 -18.47 18.78
N ASN F 263 27.39 -19.63 18.27
CA ASN F 263 26.47 -20.56 17.62
C ASN F 263 25.40 -21.06 18.58
N TYR F 264 25.82 -21.59 19.73
CA TYR F 264 24.89 -22.20 20.68
C TYR F 264 23.99 -21.18 21.35
N TYR F 265 24.20 -19.88 21.10
CA TYR F 265 23.25 -18.87 21.55
C TYR F 265 22.44 -18.27 20.40
N TRP F 266 22.92 -18.34 19.15
CA TRP F 266 22.06 -17.90 18.05
C TRP F 266 20.99 -18.92 17.73
N LEU F 267 21.30 -20.21 17.91
CA LEU F 267 20.23 -21.21 17.91
C LEU F 267 19.18 -20.87 18.96
N LEU F 268 19.62 -20.45 20.15
CA LEU F 268 18.68 -20.05 21.20
C LEU F 268 17.89 -18.82 20.81
N VAL F 269 18.53 -17.85 20.13
CA VAL F 269 17.80 -16.67 19.67
C VAL F 269 16.67 -17.10 18.73
N GLU F 270 16.99 -17.95 17.74
CA GLU F 270 15.96 -18.44 16.83
C GLU F 270 14.81 -19.08 17.59
N GLY F 271 15.13 -19.91 18.58
CA GLY F 271 14.08 -20.54 19.37
C GLY F 271 13.22 -19.55 20.14
N VAL F 272 13.88 -18.59 20.81
CA VAL F 272 13.14 -17.63 21.63
C VAL F 272 12.25 -16.76 20.74
N TYR F 273 12.69 -16.47 19.51
CA TYR F 273 11.83 -15.74 18.59
C TYR F 273 10.66 -16.60 18.11
N LEU F 274 10.88 -17.89 17.87
CA LEU F 274 9.78 -18.79 17.55
C LEU F 274 8.70 -18.70 18.62
N TYR F 275 9.12 -18.88 19.88
CA TYR F 275 8.17 -18.79 20.98
C TYR F 275 7.55 -17.40 21.08
N THR F 276 8.32 -16.37 20.75
CA THR F 276 7.81 -15.01 20.85
C THR F 276 6.68 -14.78 19.84
N LEU F 277 6.89 -15.24 18.60
CA LEU F 277 5.84 -15.14 17.58
C LEU F 277 4.62 -15.96 17.98
N LEU F 278 4.82 -17.23 18.34
CA LEU F 278 3.72 -18.15 18.54
C LEU F 278 3.09 -18.05 19.93
N ALA F 279 3.57 -17.14 20.80
CA ALA F 279 3.03 -17.03 22.16
C ALA F 279 2.34 -15.70 22.41
N PHE F 280 3.05 -14.58 22.26
CA PHE F 280 2.53 -13.28 22.65
C PHE F 280 2.31 -12.39 21.44
N SER F 281 1.46 -11.36 21.61
CA SER F 281 0.88 -10.62 20.49
C SER F 281 1.07 -9.10 20.58
N VAL F 282 1.76 -8.58 21.60
CA VAL F 282 1.99 -7.14 21.69
C VAL F 282 3.42 -6.87 22.15
N PHE F 283 4.30 -6.49 21.21
CA PHE F 283 5.73 -6.30 21.47
C PHE F 283 6.38 -5.65 20.25
N SER F 284 7.23 -4.65 20.48
CA SER F 284 7.84 -3.88 19.40
C SER F 284 8.86 -4.73 18.64
N GLU F 285 8.82 -4.62 17.31
CA GLU F 285 9.58 -5.53 16.46
C GLU F 285 11.06 -5.16 16.47
N GLN F 286 11.38 -3.90 16.16
CA GLN F 286 12.77 -3.46 16.14
C GLN F 286 13.39 -3.51 17.54
N TRP F 287 12.65 -3.09 18.56
CA TRP F 287 13.15 -3.17 19.93
C TRP F 287 13.46 -4.60 20.32
N ILE F 288 12.54 -5.53 20.04
CA ILE F 288 12.75 -6.92 20.43
C ILE F 288 13.90 -7.51 19.63
N PHE F 289 14.02 -7.12 18.34
CA PHE F 289 15.12 -7.61 17.51
C PHE F 289 16.46 -7.13 18.04
N ARG F 290 16.54 -5.87 18.48
CA ARG F 290 17.78 -5.38 19.08
C ARG F 290 18.09 -6.12 20.39
N LEU F 291 17.06 -6.36 21.21
CA LEU F 291 17.25 -7.19 22.40
C LEU F 291 17.78 -8.57 22.03
N TYR F 292 17.34 -9.12 20.90
CA TYR F 292 17.78 -10.46 20.50
C TYR F 292 19.21 -10.45 19.97
N VAL F 293 19.59 -9.44 19.18
CA VAL F 293 20.97 -9.40 18.69
C VAL F 293 21.93 -9.21 19.87
N SER F 294 21.51 -8.43 20.87
CA SER F 294 22.27 -8.38 22.12
C SER F 294 22.36 -9.76 22.75
N ILE F 295 21.23 -10.34 23.15
CA ILE F 295 21.25 -11.63 23.84
C ILE F 295 21.96 -12.71 23.01
N GLY F 296 22.16 -12.45 21.71
CA GLY F 296 22.79 -13.43 20.86
C GLY F 296 24.28 -13.26 20.73
N TRP F 297 24.78 -12.02 20.84
CA TRP F 297 26.21 -11.74 20.75
C TRP F 297 26.87 -11.43 22.09
N GLY F 298 26.23 -10.61 22.93
CA GLY F 298 26.84 -10.23 24.19
C GLY F 298 27.01 -11.39 25.16
N VAL F 299 25.94 -12.15 25.39
CA VAL F 299 25.94 -13.12 26.49
C VAL F 299 27.12 -14.07 26.39
N PRO F 300 27.47 -14.64 25.23
CA PRO F 300 28.70 -15.44 25.17
C PRO F 300 29.93 -14.66 25.60
N LEU F 301 29.98 -13.35 25.32
CA LEU F 301 31.02 -12.52 25.91
C LEU F 301 30.86 -12.40 27.42
N LEU F 302 29.62 -12.16 27.89
CA LEU F 302 29.37 -11.91 29.31
C LEU F 302 29.66 -13.12 30.18
N PHE F 303 29.84 -14.32 29.61
CA PHE F 303 30.35 -15.45 30.39
C PHE F 303 31.56 -16.14 29.78
N VAL F 304 32.19 -15.58 28.74
CA VAL F 304 33.52 -16.01 28.33
C VAL F 304 34.59 -15.00 28.73
N VAL F 305 34.21 -13.85 29.29
CA VAL F 305 35.20 -12.92 29.85
C VAL F 305 35.63 -13.42 31.23
N PRO F 306 34.73 -13.95 32.09
CA PRO F 306 35.23 -14.55 33.34
C PRO F 306 36.16 -15.72 33.10
N TRP F 307 35.92 -16.48 32.02
CA TRP F 307 36.87 -17.52 31.62
C TRP F 307 38.23 -16.90 31.29
N GLY F 308 38.22 -15.75 30.61
CA GLY F 308 39.46 -15.05 30.33
C GLY F 308 40.19 -14.65 31.59
N ILE F 309 39.46 -14.12 32.58
CA ILE F 309 40.08 -13.70 33.83
C ILE F 309 40.68 -14.89 34.56
N VAL F 310 39.92 -15.97 34.70
CA VAL F 310 40.41 -17.13 35.44
C VAL F 310 41.61 -17.76 34.73
N LYS F 311 41.48 -18.03 33.43
CA LYS F 311 42.54 -18.69 32.68
C LYS F 311 43.68 -17.74 32.33
N TYR F 312 43.57 -16.45 32.71
CA TYR F 312 44.70 -15.53 32.73
C TYR F 312 45.44 -15.52 34.06
N LEU F 313 44.73 -15.57 35.19
CA LEU F 313 45.35 -15.33 36.49
C LEU F 313 45.59 -16.60 37.29
N TYR F 314 44.54 -17.40 37.49
CA TYR F 314 44.57 -18.39 38.57
C TYR F 314 45.19 -19.70 38.12
N GLU F 315 44.88 -20.16 36.91
CA GLU F 315 45.49 -21.37 36.35
C GLU F 315 45.82 -21.17 34.87
N ASP F 316 46.42 -20.05 34.53
CA ASP F 316 46.80 -19.78 33.14
C ASP F 316 47.85 -20.77 32.66
N GLU F 317 47.65 -21.30 31.45
CA GLU F 317 48.58 -22.22 30.82
C GLU F 317 48.93 -21.71 29.42
N GLY F 318 49.80 -22.46 28.74
CA GLY F 318 50.19 -22.10 27.39
C GLY F 318 49.10 -22.39 26.38
N CYS F 319 48.64 -21.34 25.70
CA CYS F 319 47.55 -21.40 24.73
C CYS F 319 46.26 -21.90 25.38
N TRP F 320 46.15 -21.75 26.71
CA TRP F 320 44.89 -21.95 27.43
C TRP F 320 44.33 -23.36 27.20
N THR F 321 44.99 -24.34 27.81
CA THR F 321 44.87 -25.76 27.43
C THR F 321 43.50 -26.29 27.88
N ARG F 322 43.33 -27.60 27.74
CA ARG F 322 42.01 -28.24 27.60
C ARG F 322 41.12 -28.10 28.83
N ASN F 323 41.51 -28.64 29.99
CA ASN F 323 40.65 -28.59 31.17
C ASN F 323 41.47 -28.67 32.46
N SER F 324 41.70 -27.51 33.08
CA SER F 324 42.57 -27.45 34.25
C SER F 324 41.95 -28.15 35.46
N ASN F 325 40.67 -27.94 35.69
CA ASN F 325 39.98 -28.47 36.87
C ASN F 325 38.58 -28.92 36.48
N MET F 326 37.89 -29.52 37.46
CA MET F 326 36.51 -29.95 37.23
C MET F 326 35.56 -28.76 37.16
N ASN F 327 35.74 -27.78 38.04
CA ASN F 327 34.87 -26.61 38.12
C ASN F 327 35.39 -25.39 37.36
N TYR F 328 36.56 -25.47 36.74
CA TYR F 328 37.12 -24.34 36.01
C TYR F 328 37.03 -24.49 34.50
N TRP F 329 36.74 -25.70 34.00
CA TRP F 329 36.27 -25.87 32.63
C TRP F 329 34.74 -25.95 32.59
N LEU F 330 34.09 -25.86 33.75
CA LEU F 330 32.64 -25.67 33.85
C LEU F 330 32.22 -24.31 33.31
N ILE F 331 33.16 -23.37 33.24
CA ILE F 331 32.87 -21.99 32.83
C ILE F 331 32.27 -21.97 31.43
N ILE F 332 32.93 -22.63 30.48
CA ILE F 332 32.45 -22.63 29.10
C ILE F 332 31.17 -23.44 28.94
N ARG F 333 30.94 -24.45 29.79
CA ARG F 333 29.91 -25.44 29.57
C ARG F 333 28.57 -25.05 30.17
N LEU F 334 28.53 -24.72 31.46
CA LEU F 334 27.22 -24.59 32.13
C LEU F 334 26.28 -23.62 31.41
N PRO F 335 26.71 -22.43 30.99
CA PRO F 335 25.80 -21.57 30.21
C PRO F 335 25.45 -22.14 28.84
N ILE F 336 26.38 -22.84 28.18
CA ILE F 336 26.02 -23.51 26.93
C ILE F 336 25.00 -24.60 27.18
N LEU F 337 25.09 -25.28 28.34
CA LEU F 337 24.05 -26.22 28.73
C LEU F 337 22.73 -25.50 28.90
N PHE F 338 22.74 -24.30 29.50
CA PHE F 338 21.50 -23.54 29.61
C PHE F 338 20.90 -23.23 28.24
N ALA F 339 21.74 -22.80 27.29
CA ALA F 339 21.26 -22.49 25.95
C ALA F 339 20.67 -23.73 25.27
N ILE F 340 21.36 -24.87 25.36
CA ILE F 340 20.87 -26.09 24.73
C ILE F 340 19.57 -26.55 25.40
N GLY F 341 19.48 -26.42 26.73
CA GLY F 341 18.26 -26.79 27.42
C GLY F 341 17.08 -25.94 27.03
N VAL F 342 17.29 -24.63 26.89
CA VAL F 342 16.21 -23.73 26.50
C VAL F 342 15.80 -24.00 25.06
N ASN F 343 16.76 -24.29 24.19
CA ASN F 343 16.40 -24.67 22.81
C ASN F 343 15.54 -25.91 22.80
N PHE F 344 15.91 -26.93 23.58
CA PHE F 344 15.07 -28.13 23.66
C PHE F 344 13.68 -27.82 24.18
N LEU F 345 13.58 -27.01 25.25
CA LEU F 345 12.27 -26.76 25.84
C LEU F 345 11.36 -26.01 24.88
N ILE F 346 11.89 -24.97 24.23
CA ILE F 346 11.08 -24.22 23.28
C ILE F 346 10.74 -25.08 22.07
N PHE F 347 11.64 -25.97 21.66
CA PHE F 347 11.31 -26.96 20.63
C PHE F 347 10.10 -27.80 21.04
N VAL F 348 10.11 -28.31 22.28
CA VAL F 348 9.03 -29.17 22.74
C VAL F 348 7.71 -28.39 22.75
N ARG F 349 7.75 -27.13 23.19
CA ARG F 349 6.51 -26.33 23.19
C ARG F 349 6.02 -26.03 21.78
N VAL F 350 6.96 -25.80 20.84
CA VAL F 350 6.58 -25.57 19.45
C VAL F 350 5.89 -26.80 18.88
N ILE F 351 6.43 -27.99 19.16
CA ILE F 351 5.82 -29.22 18.63
C ILE F 351 4.47 -29.49 19.32
N CYS F 352 4.37 -29.20 20.62
CA CYS F 352 3.09 -29.33 21.31
C CYS F 352 2.03 -28.47 20.64
N ILE F 353 2.34 -27.20 20.39
CA ILE F 353 1.37 -26.28 19.78
C ILE F 353 1.09 -26.68 18.33
N VAL F 354 2.09 -27.15 17.59
CA VAL F 354 1.86 -27.56 16.21
C VAL F 354 0.86 -28.71 16.17
N VAL F 355 1.10 -29.75 16.96
CA VAL F 355 0.19 -30.89 16.92
C VAL F 355 -1.17 -30.51 17.49
N SER F 356 -1.21 -29.56 18.45
CA SER F 356 -2.49 -29.07 18.95
C SER F 356 -3.31 -28.40 17.85
N LYS F 357 -2.66 -27.55 17.04
CA LYS F 357 -3.32 -27.01 15.85
C LYS F 357 -3.80 -28.14 14.96
N LEU F 358 -2.92 -29.11 14.71
CA LEU F 358 -3.15 -30.11 13.68
C LEU F 358 -4.32 -31.03 14.01
N LYS F 359 -4.48 -31.40 15.29
CA LYS F 359 -5.59 -32.22 15.72
C LYS F 359 -6.77 -31.42 16.27
N ALA F 360 -6.65 -30.10 16.36
CA ALA F 360 -7.80 -29.23 16.58
C ALA F 360 -8.44 -28.78 15.27
N ASN F 361 -7.86 -29.13 14.12
CA ASN F 361 -8.32 -28.66 12.83
C ASN F 361 -9.61 -29.36 12.42
N LEU F 362 -10.13 -28.98 11.26
CA LEU F 362 -11.38 -29.53 10.72
C LEU F 362 -11.16 -30.87 10.02
N ASP F 367 -3.43 -37.80 6.45
CA ASP F 367 -2.18 -38.43 6.84
C ASP F 367 -1.27 -37.43 7.57
N ILE F 368 -1.14 -37.60 8.89
CA ILE F 368 -0.26 -36.72 9.66
C ILE F 368 1.19 -37.16 9.67
N LYS F 369 1.46 -38.48 9.59
CA LYS F 369 2.81 -38.98 9.83
C LYS F 369 3.84 -38.24 8.97
N CYS F 370 3.52 -38.01 7.70
CA CYS F 370 4.40 -37.18 6.87
C CYS F 370 4.50 -35.77 7.43
N ARG F 371 3.38 -35.21 7.87
CA ARG F 371 3.37 -33.85 8.40
C ARG F 371 4.35 -33.71 9.55
N LEU F 372 4.23 -34.58 10.57
CA LEU F 372 5.09 -34.47 11.74
C LEU F 372 6.52 -34.90 11.44
N ALA F 373 6.73 -35.91 10.58
CA ALA F 373 8.08 -36.26 10.17
C ALA F 373 8.80 -35.05 9.60
N LYS F 374 8.26 -34.49 8.52
CA LYS F 374 8.89 -33.33 7.89
C LYS F 374 8.98 -32.16 8.87
N SER F 375 7.91 -31.92 9.65
CA SER F 375 7.88 -30.82 10.59
C SER F 375 9.03 -30.91 11.60
N THR F 376 9.03 -31.96 12.43
CA THR F 376 10.04 -32.07 13.49
C THR F 376 11.44 -32.17 12.92
N LEU F 377 11.63 -32.91 11.82
CA LEU F 377 12.95 -32.99 11.21
C LEU F 377 13.39 -31.68 10.57
N THR F 378 12.49 -30.71 10.41
CA THR F 378 12.89 -29.34 10.07
C THR F 378 13.07 -28.46 11.31
N LEU F 379 12.30 -28.71 12.37
CA LEU F 379 12.34 -27.89 13.57
C LEU F 379 13.55 -28.21 14.46
N ILE F 380 14.08 -29.43 14.40
CA ILE F 380 15.24 -29.80 15.21
C ILE F 380 16.53 -29.23 14.60
N PRO F 381 16.82 -29.42 13.31
CA PRO F 381 18.10 -28.93 12.79
C PRO F 381 18.28 -27.43 12.93
N LEU F 382 17.19 -26.65 12.96
CA LEU F 382 17.29 -25.22 13.13
C LEU F 382 17.58 -24.87 14.59
N LEU F 383 16.74 -25.34 15.51
CA LEU F 383 16.94 -25.04 16.93
C LEU F 383 18.15 -25.73 17.52
N GLY F 384 18.78 -26.64 16.81
CA GLY F 384 19.92 -27.39 17.35
C GLY F 384 19.59 -28.11 18.65
N THR F 385 18.69 -29.09 18.59
CA THR F 385 18.33 -29.90 19.74
C THR F 385 18.93 -31.30 19.68
N HIS F 386 19.52 -31.70 18.55
CA HIS F 386 20.02 -33.06 18.39
C HIS F 386 20.99 -33.45 19.49
N GLU F 387 21.75 -32.48 20.03
CA GLU F 387 22.72 -32.81 21.09
C GLU F 387 22.03 -33.42 22.30
N VAL F 388 20.85 -32.91 22.68
CA VAL F 388 20.13 -33.43 23.83
C VAL F 388 19.24 -34.62 23.42
N ILE F 389 19.37 -35.10 22.18
CA ILE F 389 18.73 -36.35 21.78
C ILE F 389 19.49 -37.55 22.36
N PHE F 390 20.82 -37.47 22.37
CA PHE F 390 21.65 -38.60 22.81
C PHE F 390 22.55 -38.20 23.96
N ALA F 391 22.01 -37.54 24.97
CA ALA F 391 22.77 -36.95 26.07
C ALA F 391 22.12 -37.27 27.42
N PHE F 392 21.81 -38.55 27.67
CA PHE F 392 21.25 -38.98 28.96
C PHE F 392 22.32 -39.50 29.91
N VAL F 393 23.02 -40.57 29.52
CA VAL F 393 24.06 -41.21 30.33
C VAL F 393 25.42 -40.89 29.70
N MET F 394 26.39 -40.50 30.52
CA MET F 394 27.73 -40.17 30.08
C MET F 394 28.75 -41.08 30.77
N ASP F 395 29.99 -41.01 30.29
CA ASP F 395 31.14 -41.70 30.89
C ASP F 395 30.94 -43.21 30.97
N GLU F 396 30.22 -43.80 30.01
CA GLU F 396 30.02 -45.24 29.93
C GLU F 396 30.19 -45.79 28.51
N HIS F 397 30.25 -44.93 27.50
CA HIS F 397 30.53 -45.33 26.13
C HIS F 397 32.00 -45.06 25.79
N ALA F 398 32.88 -45.30 26.77
CA ALA F 398 34.31 -44.98 26.68
C ALA F 398 35.15 -46.23 26.43
N ARG F 399 34.66 -47.16 25.60
CA ARG F 399 35.42 -48.35 25.23
C ARG F 399 34.65 -49.14 24.19
N GLY F 400 35.30 -50.17 23.65
CA GLY F 400 34.68 -51.06 22.69
C GLY F 400 34.21 -50.35 21.44
N THR F 401 35.03 -49.42 20.94
CA THR F 401 34.77 -48.57 19.77
C THR F 401 33.49 -47.75 19.95
N LEU F 402 32.90 -47.80 21.15
CA LEU F 402 31.71 -47.01 21.45
C LEU F 402 32.05 -45.54 21.61
N ARG F 403 33.26 -45.24 22.13
CA ARG F 403 33.72 -43.87 22.18
C ARG F 403 33.82 -43.27 20.78
N PHE F 404 34.37 -44.03 19.83
CA PHE F 404 34.42 -43.55 18.44
C PHE F 404 33.03 -43.47 17.82
N ILE F 405 32.10 -44.36 18.21
CA ILE F 405 30.72 -44.25 17.76
C ILE F 405 30.11 -42.93 18.23
N LYS F 406 30.32 -42.58 19.50
CA LYS F 406 29.83 -41.31 20.02
C LYS F 406 30.48 -40.13 19.31
N LEU F 407 31.80 -40.20 19.10
CA LEU F 407 32.49 -39.16 18.34
C LEU F 407 31.87 -38.99 16.97
N PHE F 408 31.63 -40.11 16.27
CA PHE F 408 31.05 -40.06 14.92
C PHE F 408 29.67 -39.43 14.94
N THR F 409 28.77 -39.91 15.82
CA THR F 409 27.42 -39.34 15.89
C THR F 409 27.47 -37.85 16.15
N GLU F 410 28.17 -37.43 17.22
CA GLU F 410 28.12 -36.03 17.64
C GLU F 410 28.81 -35.12 16.62
N LEU F 411 30.01 -35.50 16.17
CA LEU F 411 30.73 -34.68 15.19
C LEU F 411 29.96 -34.58 13.88
N SER F 412 29.40 -35.70 13.39
CA SER F 412 28.64 -35.66 12.15
C SER F 412 27.39 -34.81 12.29
N PHE F 413 26.66 -34.96 13.40
CA PHE F 413 25.42 -34.19 13.56
C PHE F 413 25.72 -32.69 13.65
N THR F 414 26.74 -32.31 14.42
CA THR F 414 27.10 -30.90 14.50
C THR F 414 27.64 -30.38 13.17
N SER F 415 28.61 -31.05 12.55
CA SER F 415 29.19 -30.61 11.28
C SER F 415 28.21 -30.72 10.12
N PHE F 416 27.08 -31.38 10.31
CA PHE F 416 25.94 -31.33 9.39
C PHE F 416 25.00 -30.18 9.68
N GLN F 417 24.86 -29.76 10.94
CA GLN F 417 23.88 -28.72 11.26
C GLN F 417 24.13 -27.45 10.45
N GLY F 418 25.40 -27.11 10.22
CA GLY F 418 25.72 -25.94 9.42
C GLY F 418 25.16 -26.02 8.01
N LEU F 419 25.32 -27.16 7.35
CA LEU F 419 24.67 -27.38 6.07
C LEU F 419 23.16 -27.38 6.20
N MET F 420 22.63 -28.03 7.23
CA MET F 420 21.22 -28.39 7.26
C MET F 420 20.30 -27.21 7.56
N VAL F 421 20.72 -26.28 8.43
CA VAL F 421 19.89 -25.11 8.68
C VAL F 421 19.69 -24.33 7.39
N ALA F 422 20.77 -24.14 6.62
CA ALA F 422 20.66 -23.52 5.31
C ALA F 422 19.80 -24.35 4.36
N ILE F 423 20.02 -25.68 4.32
CA ILE F 423 19.32 -26.50 3.34
C ILE F 423 17.82 -26.50 3.58
N LEU F 424 17.39 -26.37 4.83
CA LEU F 424 15.97 -26.44 5.14
C LEU F 424 15.29 -25.08 5.28
N TYR F 425 16.04 -23.99 5.46
CA TYR F 425 15.42 -22.68 5.61
C TYR F 425 15.87 -21.67 4.56
N CYS F 426 16.62 -22.11 3.55
CA CYS F 426 17.08 -21.24 2.48
C CYS F 426 16.96 -21.83 1.09
N PHE F 427 16.92 -23.16 0.94
CA PHE F 427 16.72 -23.81 -0.35
C PHE F 427 15.32 -24.40 -0.51
N VAL F 428 14.68 -24.84 0.56
CA VAL F 428 13.36 -25.48 0.50
C VAL F 428 12.26 -24.55 0.99
N ASN F 429 12.56 -23.26 1.16
CA ASN F 429 11.55 -22.30 1.61
C ASN F 429 10.78 -21.76 0.40
N ASN F 430 9.46 -21.93 0.40
CA ASN F 430 8.64 -21.52 -0.74
C ASN F 430 8.81 -20.04 -1.06
N GLU F 431 9.10 -19.21 -0.06
CA GLU F 431 9.20 -17.77 -0.29
C GLU F 431 10.43 -17.44 -1.13
N VAL F 432 11.61 -17.96 -0.74
CA VAL F 432 12.81 -17.76 -1.55
C VAL F 432 12.67 -18.48 -2.88
N GLN F 433 11.93 -19.60 -2.91
CA GLN F 433 11.74 -20.33 -4.16
C GLN F 433 10.95 -19.51 -5.16
N LEU F 434 9.79 -18.97 -4.75
CA LEU F 434 9.02 -18.10 -5.63
C LEU F 434 9.77 -16.81 -5.93
N GLU F 435 10.63 -16.35 -5.01
CA GLU F 435 11.48 -15.22 -5.31
C GLU F 435 12.40 -15.51 -6.49
N PHE F 436 13.04 -16.69 -6.50
CA PHE F 436 13.90 -17.07 -7.62
C PHE F 436 13.09 -17.29 -8.89
N ARG F 437 11.89 -17.87 -8.77
CA ARG F 437 11.03 -18.04 -9.95
C ARG F 437 10.69 -16.70 -10.58
N LYS F 438 10.23 -15.73 -9.76
CA LYS F 438 9.90 -14.41 -10.30
C LYS F 438 11.15 -13.68 -10.80
N SER F 439 12.30 -13.89 -10.15
CA SER F 439 13.54 -13.26 -10.62
C SER F 439 13.91 -13.75 -12.00
N TRP F 440 13.79 -15.07 -12.25
CA TRP F 440 14.06 -15.57 -13.60
C TRP F 440 13.01 -15.05 -14.58
N GLU F 441 11.73 -15.08 -14.19
CA GLU F 441 10.69 -14.40 -14.94
C GLU F 441 11.14 -13.01 -15.38
N ARG F 442 11.88 -12.33 -14.52
CA ARG F 442 12.38 -10.98 -14.76
C ARG F 442 13.77 -10.97 -15.42
N TRP F 443 14.10 -12.01 -16.19
CA TRP F 443 15.44 -12.21 -16.75
C TRP F 443 15.36 -12.49 -18.25
N ARG F 444 14.52 -11.73 -18.95
CA ARG F 444 14.48 -11.76 -20.41
C ARG F 444 15.27 -10.58 -20.98
#